data_8UIW
#
_entry.id   8UIW
#
_cell.length_a   65.792
_cell.length_b   77.438
_cell.length_c   95.848
_cell.angle_alpha   87.190
_cell.angle_beta   88.430
_cell.angle_gamma   88.050
#
_symmetry.space_group_name_H-M   'P 1'
#
loop_
_entity.id
_entity.type
_entity.pdbx_description
1 polymer 'yjdF RNA (R. gauvreauii)'
2 polymer 'Fab BL3-6 S97N heavy chain'
3 polymer 'Fab BL3-6 S97N light chain'
4 non-polymer 'MAGNESIUM ION'
5 non-polymer 1,2-dimethoxy-12-methyl[1,3]benzodioxolo[5,6-c]phenanthridin-12-ium
6 non-polymer 'OSMIUM ION'
7 non-polymer 'POTASSIUM ION'
8 water water
#
loop_
_entity_poly.entity_id
_entity_poly.type
_entity_poly.pdbx_seq_one_letter_code
_entity_poly.pdbx_strand_id
1 'polyribonucleotide'
;(GTP)GACAAAGAUAAAAACACAACGUAUGGCGAAACACGUCAUACAGAUCCGGUAGGUAGUCCGGACAUAAACAGCGGU
AUAAAGCGCUGUUUAUAAGUAACCUUCCUCCUUAGGUCGUCCAUUCUUUGUC
;
N,R
2 'polypeptide(L)'
;EISEVQLVESGGGLVQPGGSLRLSCAASGFYISYSSIHWVRQAPGKGLEWVASISPYSGSTYYADSVKGRFTISADTSKN
TAYLQMNSLRAEDTAVYYCARQGYRRRSGRGFDYWGQGTLVTVSSASTKGPSVFPLAPSSKSTSGGTAALGCLVKDYFPE
PVTVSWNSGALTSGVHTFPAVLQSSGLYSLSSVVTVPSSSLGTQTYICNVNHKPSNTKVDKKVEPKSCDKTHT
;
A,H
3 'polypeptide(L)'
;SDIQMTQSPSSLSASVGDRVTITCRASQSVSSAVAWYQQKPGKAPKLLIYSASSLYSGVPSRFSGSRSGTDFTLTISSLQ
PEDFATYYCQQSYSFPNTFGQGTKVEIKRTVAAPSVFIFPPSDEQLKSGTASVVCLLNNFYPREAKVQWKVDNALQSGNS
QESVTEQDSKDSTYSLSSTLTLSKADYEKHKVYACEVTHQGLSSPVTKSFNRGEC
;
B,L
#
loop_
_chem_comp.id
_chem_comp.type
_chem_comp.name
_chem_comp.formula
A RNA linking ADENOSINE-5'-MONOPHOSPHATE 'C10 H14 N5 O7 P'
C RNA linking CYTIDINE-5'-MONOPHOSPHATE 'C9 H14 N3 O8 P'
CTI non-polymer 1,2-dimethoxy-12-methyl[1,3]benzodioxolo[5,6-c]phenanthridin-12-ium 'C21 H18 N O4 1'
G RNA linking GUANOSINE-5'-MONOPHOSPHATE 'C10 H14 N5 O8 P'
GTP non-polymer GUANOSINE-5'-TRIPHOSPHATE 'C10 H16 N5 O14 P3'
K non-polymer 'POTASSIUM ION' 'K 1'
MG non-polymer 'MAGNESIUM ION' 'Mg 2'
OS non-polymer 'OSMIUM ION' 'Os 3'
U RNA linking URIDINE-5'-MONOPHOSPHATE 'C9 H13 N2 O9 P'
#
# COMPACT_ATOMS: atom_id res chain seq x y z
PG GTP A 1 -44.79 41.24 -128.20
O1G GTP A 1 -45.43 40.27 -129.18
O2G GTP A 1 -44.10 40.54 -127.05
O3G GTP A 1 -45.74 42.30 -127.68
O3B GTP A 1 -43.60 41.98 -129.02
PB GTP A 1 -43.45 42.35 -130.56
O1B GTP A 1 -42.28 43.26 -130.71
O2B GTP A 1 -43.52 41.11 -131.35
O3A GTP A 1 -44.79 43.16 -130.81
PA GTP A 1 -45.35 44.55 -130.28
O1A GTP A 1 -45.20 44.66 -128.81
O2A GTP A 1 -44.84 45.65 -131.14
O5' GTP A 1 -46.87 44.24 -130.63
C5' GTP A 1 -47.44 43.09 -129.97
C4' GTP A 1 -48.76 42.77 -130.62
O4' GTP A 1 -48.59 42.64 -132.04
C3' GTP A 1 -49.36 41.43 -130.23
O3' GTP A 1 -49.85 41.50 -128.89
C2' GTP A 1 -50.42 41.32 -131.34
O2' GTP A 1 -51.45 42.24 -131.16
C1' GTP A 1 -49.54 41.70 -132.53
N9 GTP A 1 -48.81 40.58 -133.12
C8 GTP A 1 -47.47 40.54 -133.41
N7 GTP A 1 -47.09 39.41 -133.96
C5 GTP A 1 -48.27 38.70 -134.11
C6 GTP A 1 -48.49 37.42 -134.67
O6 GTP A 1 -47.66 36.64 -135.17
N1 GTP A 1 -49.83 37.07 -134.62
C2 GTP A 1 -50.84 37.84 -134.10
N2 GTP A 1 -52.08 37.33 -134.14
N3 GTP A 1 -50.64 39.03 -133.56
C4 GTP A 1 -49.33 39.41 -133.60
PG GTP B 1 17.86 6.04 -102.64
O1G GTP B 1 18.26 4.69 -103.22
O2G GTP B 1 17.40 5.98 -101.19
O3G GTP B 1 16.85 6.71 -103.54
O3B GTP B 1 19.20 6.94 -102.67
PB GTP B 1 19.95 7.70 -103.86
O1B GTP B 1 21.30 8.11 -103.41
O2B GTP B 1 19.76 6.96 -105.12
O3A GTP B 1 19.05 9.02 -103.86
PA GTP B 1 18.95 10.17 -102.76
O1A GTP B 1 18.94 9.55 -101.40
O2A GTP B 1 19.94 11.24 -103.06
O5' GTP B 1 17.48 10.68 -103.09
C5' GTP B 1 16.47 9.65 -103.07
C4' GTP B 1 15.10 10.29 -103.14
O4' GTP B 1 14.95 10.99 -104.40
C3' GTP B 1 13.94 9.31 -103.07
O3' GTP B 1 13.58 9.09 -101.71
C2' GTP B 1 12.89 10.04 -103.92
O2' GTP B 1 12.36 11.15 -103.23
C1' GTP B 1 13.80 10.48 -105.06
N9 GTP B 1 14.23 9.39 -105.95
C8 GTP B 1 15.51 9.11 -106.34
N7 GTP B 1 15.59 8.09 -107.16
C5 GTP B 1 14.27 7.73 -107.39
C6 GTP B 1 13.74 6.71 -108.21
O6 GTP B 1 14.35 5.92 -108.94
N1 GTP B 1 12.35 6.69 -108.16
C2 GTP B 1 11.57 7.53 -107.39
N2 GTP B 1 10.25 7.34 -107.46
N3 GTP B 1 12.07 8.48 -106.60
C4 GTP B 1 13.42 8.53 -106.65
N GLU C 4 -1.43 -9.91 0.34
CA GLU C 4 -2.49 -10.43 -0.51
C GLU C 4 -2.05 -11.72 -1.20
N VAL C 5 -0.86 -11.70 -1.80
CA VAL C 5 -0.26 -12.87 -2.42
C VAL C 5 0.55 -13.63 -1.39
N GLN C 6 0.35 -14.95 -1.32
CA GLN C 6 1.04 -15.77 -0.34
C GLN C 6 1.37 -17.13 -0.94
N LEU C 7 2.55 -17.65 -0.59
CA LEU C 7 2.96 -19.01 -0.90
C LEU C 7 3.31 -19.72 0.40
N VAL C 8 2.69 -20.87 0.66
CA VAL C 8 2.98 -21.67 1.85
C VAL C 8 3.54 -23.01 1.41
N GLU C 9 4.75 -23.32 1.88
CA GLU C 9 5.32 -24.64 1.67
C GLU C 9 4.96 -25.58 2.81
N SER C 10 4.80 -26.86 2.48
CA SER C 10 4.57 -27.88 3.47
C SER C 10 5.04 -29.21 2.92
N GLY C 11 5.14 -30.20 3.79
CA GLY C 11 5.51 -31.55 3.39
C GLY C 11 6.96 -31.92 3.65
N GLY C 12 7.75 -31.02 4.24
CA GLY C 12 9.12 -31.32 4.58
C GLY C 12 9.21 -32.17 5.83
N GLY C 13 10.43 -32.54 6.18
CA GLY C 13 10.65 -33.37 7.34
C GLY C 13 11.94 -34.16 7.20
N LEU C 14 12.01 -35.24 7.98
CA LEU C 14 13.16 -36.13 8.01
C LEU C 14 12.86 -37.36 7.17
N VAL C 15 13.72 -37.65 6.21
CA VAL C 15 13.58 -38.80 5.33
C VAL C 15 14.89 -39.57 5.31
N GLN C 16 14.80 -40.90 5.33
CA GLN C 16 15.97 -41.73 5.23
C GLN C 16 16.53 -41.66 3.80
N PRO C 17 17.84 -41.79 3.64
CA PRO C 17 18.40 -41.76 2.28
C PRO C 17 17.85 -42.90 1.45
N GLY C 18 17.58 -42.60 0.18
CA GLY C 18 16.85 -43.51 -0.68
C GLY C 18 15.36 -43.44 -0.52
N GLY C 19 14.85 -42.56 0.36
CA GLY C 19 13.43 -42.39 0.56
C GLY C 19 12.84 -41.28 -0.30
N SER C 20 11.52 -41.21 -0.28
CA SER C 20 10.77 -40.26 -1.07
C SER C 20 10.08 -39.24 -0.18
N LEU C 21 10.00 -38.01 -0.66
CA LEU C 21 9.26 -36.95 0.01
C LEU C 21 8.54 -36.13 -1.05
N ARG C 22 7.41 -35.53 -0.67
CA ARG C 22 6.68 -34.68 -1.60
C ARG C 22 6.37 -33.35 -0.92
N LEU C 23 6.85 -32.25 -1.49
CA LEU C 23 6.59 -30.93 -0.98
C LEU C 23 5.46 -30.29 -1.76
N SER C 24 4.63 -29.51 -1.07
CA SER C 24 3.54 -28.79 -1.69
C SER C 24 3.71 -27.30 -1.44
N CYS C 25 3.34 -26.50 -2.44
CA CYS C 25 3.39 -25.04 -2.38
C CYS C 25 1.98 -24.54 -2.70
N ALA C 26 1.23 -24.20 -1.66
CA ALA C 26 -0.14 -23.72 -1.81
C ALA C 26 -0.14 -22.21 -1.97
N ALA C 27 -0.88 -21.73 -2.95
CA ALA C 27 -0.90 -20.32 -3.32
C ALA C 27 -2.19 -19.65 -2.87
N SER C 28 -2.08 -18.37 -2.52
CA SER C 28 -3.19 -17.53 -2.13
C SER C 28 -3.02 -16.16 -2.78
N GLY C 29 -4.14 -15.53 -3.14
CA GLY C 29 -4.11 -14.20 -3.71
C GLY C 29 -3.79 -14.13 -5.18
N PHE C 30 -3.50 -15.25 -5.82
CA PHE C 30 -3.26 -15.31 -7.25
C PHE C 30 -3.47 -16.74 -7.71
N TYR C 31 -3.67 -16.92 -9.01
CA TYR C 31 -3.87 -18.23 -9.61
C TYR C 31 -2.54 -18.67 -10.23
N ILE C 32 -2.07 -19.87 -9.83
CA ILE C 32 -0.77 -20.33 -10.30
C ILE C 32 -0.76 -20.59 -11.81
N SER C 33 -1.92 -20.66 -12.44
CA SER C 33 -1.97 -20.97 -13.86
C SER C 33 -1.45 -19.82 -14.71
N TYR C 34 -1.40 -18.60 -14.15
CA TYR C 34 -0.97 -17.42 -14.88
C TYR C 34 0.47 -17.02 -14.58
N SER C 35 1.25 -17.91 -13.96
CA SER C 35 2.61 -17.56 -13.55
C SER C 35 3.53 -18.76 -13.74
N SER C 36 4.84 -18.48 -13.75
CA SER C 36 5.85 -19.52 -13.66
C SER C 36 6.18 -19.75 -12.19
N ILE C 37 6.35 -21.02 -11.81
CA ILE C 37 6.57 -21.39 -10.42
C ILE C 37 7.95 -22.06 -10.31
N HIS C 38 8.72 -21.67 -9.30
CA HIS C 38 10.08 -22.17 -9.12
C HIS C 38 10.24 -22.77 -7.73
N TRP C 39 11.14 -23.75 -7.64
CA TRP C 39 11.62 -24.28 -6.38
C TRP C 39 13.11 -24.00 -6.26
N VAL C 40 13.51 -23.42 -5.13
CA VAL C 40 14.90 -23.07 -4.82
C VAL C 40 15.24 -23.63 -3.45
N ARG C 41 16.43 -24.22 -3.32
CA ARG C 41 16.87 -24.79 -2.05
C ARG C 41 18.04 -24.01 -1.49
N GLN C 42 18.11 -23.98 -0.15
CA GLN C 42 19.22 -23.36 0.58
C GLN C 42 19.69 -24.32 1.67
N ALA C 43 20.88 -24.89 1.52
CA ALA C 43 21.42 -25.71 2.59
C ALA C 43 21.81 -24.81 3.77
N PRO C 44 21.67 -25.30 5.01
CA PRO C 44 21.99 -24.45 6.16
C PRO C 44 23.40 -23.90 6.08
N GLY C 45 23.51 -22.58 6.23
CA GLY C 45 24.79 -21.93 6.15
C GLY C 45 25.30 -21.67 4.74
N LYS C 46 24.47 -21.93 3.72
CA LYS C 46 24.91 -21.80 2.34
C LYS C 46 23.93 -20.95 1.54
N GLY C 47 24.26 -20.73 0.27
CA GLY C 47 23.48 -19.86 -0.58
C GLY C 47 22.38 -20.58 -1.34
N LEU C 48 21.67 -19.80 -2.14
CA LEU C 48 20.54 -20.31 -2.91
C LEU C 48 21.01 -21.18 -4.07
N GLU C 49 20.26 -22.25 -4.32
CA GLU C 49 20.47 -23.13 -5.46
C GLU C 49 19.12 -23.37 -6.13
N TRP C 50 19.02 -22.98 -7.40
CA TRP C 50 17.79 -23.19 -8.15
C TRP C 50 17.57 -24.68 -8.39
N VAL C 51 16.35 -25.15 -8.19
CA VAL C 51 16.02 -26.56 -8.22
C VAL C 51 15.12 -26.90 -9.41
N ALA C 52 14.03 -26.16 -9.59
CA ALA C 52 13.12 -26.53 -10.66
C ALA C 52 12.19 -25.39 -11.03
N SER C 53 11.60 -25.51 -12.22
CA SER C 53 10.67 -24.51 -12.75
C SER C 53 9.58 -25.18 -13.56
N ILE C 54 8.34 -24.70 -13.41
CA ILE C 54 7.24 -25.07 -14.29
C ILE C 54 6.67 -23.80 -14.90
N SER C 55 6.52 -23.80 -16.32
CA SER C 55 6.02 -22.71 -17.16
C SER C 55 4.50 -22.75 -17.24
N PRO C 56 3.87 -21.60 -17.47
CA PRO C 56 2.41 -21.56 -17.64
C PRO C 56 1.98 -21.81 -19.09
N TYR C 57 0.84 -22.50 -19.21
CA TYR C 57 0.11 -22.78 -20.45
C TYR C 57 0.78 -23.84 -21.31
N SER C 58 1.94 -24.35 -20.92
CA SER C 58 2.58 -25.42 -21.65
C SER C 58 2.88 -26.58 -20.71
N GLY C 59 3.15 -26.25 -19.45
CA GLY C 59 3.53 -27.24 -18.47
C GLY C 59 4.99 -27.63 -18.52
N SER C 60 5.73 -26.95 -19.37
CA SER C 60 7.15 -27.30 -19.60
C SER C 60 7.91 -27.34 -18.27
N THR C 61 8.54 -28.48 -18.00
CA THR C 61 9.28 -28.66 -16.75
C THR C 61 10.77 -28.50 -17.04
N TYR C 62 11.44 -27.66 -16.27
CA TYR C 62 12.90 -27.48 -16.42
C TYR C 62 13.53 -27.84 -15.08
N TYR C 63 14.68 -28.48 -15.08
CA TYR C 63 15.26 -28.94 -13.81
C TYR C 63 16.77 -28.70 -13.79
N ALA C 64 17.39 -28.84 -12.63
CA ALA C 64 18.85 -28.70 -12.49
C ALA C 64 19.50 -30.08 -12.52
N ASP C 65 20.79 -30.17 -12.79
CA ASP C 65 21.48 -31.46 -12.99
C ASP C 65 21.76 -32.12 -11.64
N SER C 66 21.66 -31.39 -10.55
CA SER C 66 21.86 -31.97 -9.20
C SER C 66 20.64 -32.80 -8.85
N VAL C 67 19.51 -32.51 -9.47
CA VAL C 67 18.23 -33.18 -9.11
C VAL C 67 17.59 -33.83 -10.33
N LYS C 68 18.10 -33.59 -11.52
CA LYS C 68 17.45 -34.09 -12.76
C LYS C 68 17.31 -35.61 -12.72
N GLY C 69 16.13 -36.12 -13.00
CA GLY C 69 15.90 -37.57 -13.05
C GLY C 69 15.43 -38.16 -11.74
N ARG C 70 15.48 -37.40 -10.64
CA ARG C 70 15.04 -37.86 -9.29
C ARG C 70 13.93 -36.94 -8.75
N PHE C 71 13.83 -35.66 -9.13
CA PHE C 71 12.78 -34.73 -8.68
C PHE C 71 11.83 -34.44 -9.83
N THR C 72 10.54 -34.24 -9.56
CA THR C 72 9.53 -33.90 -10.59
C THR C 72 8.63 -32.75 -10.10
N ILE C 73 8.52 -31.67 -10.86
CA ILE C 73 7.69 -30.49 -10.50
C ILE C 73 6.34 -30.66 -11.17
N SER C 74 5.26 -30.48 -10.42
CA SER C 74 3.90 -30.61 -10.97
C SER C 74 3.04 -29.46 -10.46
N ALA C 75 1.96 -29.15 -11.17
CA ALA C 75 1.02 -28.11 -10.71
C ALA C 75 -0.41 -28.65 -10.74
N ASP C 76 -1.21 -28.37 -9.72
CA ASP C 76 -2.62 -28.75 -9.64
C ASP C 76 -3.40 -27.45 -9.55
N THR C 77 -3.99 -27.03 -10.68
CA THR C 77 -4.71 -25.77 -10.73
C THR C 77 -5.99 -25.81 -9.92
N SER C 78 -6.62 -26.99 -9.82
CA SER C 78 -7.88 -27.09 -9.08
C SER C 78 -7.66 -26.92 -7.59
N LYS C 79 -6.50 -27.33 -7.08
CA LYS C 79 -6.09 -27.05 -5.72
C LYS C 79 -5.17 -25.85 -5.61
N ASN C 80 -4.87 -25.20 -6.73
CA ASN C 80 -4.02 -24.00 -6.76
C ASN C 80 -2.68 -24.23 -6.07
N THR C 81 -2.09 -25.41 -6.30
CA THR C 81 -0.91 -25.81 -5.54
C THR C 81 0.15 -26.40 -6.48
N ALA C 82 1.40 -26.00 -6.30
CA ALA C 82 2.50 -26.65 -6.99
C ALA C 82 3.05 -27.78 -6.12
N TYR C 83 3.84 -28.65 -6.73
CA TYR C 83 4.35 -29.81 -6.02
C TYR C 83 5.74 -30.17 -6.52
N LEU C 84 6.58 -30.64 -5.60
CA LEU C 84 7.90 -31.17 -5.91
C LEU C 84 8.02 -32.57 -5.33
N GLN C 85 8.10 -33.58 -6.19
CA GLN C 85 8.30 -34.96 -5.78
C GLN C 85 9.78 -35.29 -5.79
N MET C 86 10.32 -35.69 -4.65
CA MET C 86 11.71 -36.07 -4.48
C MET C 86 11.78 -37.57 -4.27
N ASN C 87 12.47 -38.28 -5.18
CA ASN C 87 12.66 -39.71 -5.05
C ASN C 87 14.14 -40.03 -4.87
N SER C 88 14.41 -41.13 -4.15
CA SER C 88 15.78 -41.63 -3.94
C SER C 88 16.69 -40.52 -3.39
N LEU C 89 16.31 -40.02 -2.22
CA LEU C 89 16.95 -38.84 -1.66
C LEU C 89 18.32 -39.17 -1.08
N ARG C 90 19.23 -38.18 -1.13
CA ARG C 90 20.61 -38.31 -0.61
C ARG C 90 20.80 -37.20 0.39
N ALA C 91 21.96 -37.08 1.00
CA ALA C 91 22.18 -36.12 2.10
C ALA C 91 22.58 -34.75 1.58
N GLU C 92 22.75 -34.58 0.27
CA GLU C 92 23.22 -33.32 -0.34
C GLU C 92 22.02 -32.44 -0.64
N ASP C 93 20.81 -32.97 -0.41
CA ASP C 93 19.56 -32.24 -0.68
C ASP C 93 19.01 -31.71 0.64
N THR C 94 19.74 -31.93 1.72
CA THR C 94 19.28 -31.44 3.04
C THR C 94 19.34 -29.93 2.91
N ALA C 95 18.21 -29.27 2.96
CA ALA C 95 18.14 -27.81 2.77
C ALA C 95 16.75 -27.30 3.07
N VAL C 96 16.55 -25.99 3.08
CA VAL C 96 15.22 -25.39 3.24
C VAL C 96 14.75 -25.09 1.83
N TYR C 97 13.63 -25.68 1.43
CA TYR C 97 13.14 -25.51 0.04
C TYR C 97 12.09 -24.44 0.04
N TYR C 98 12.27 -23.46 -0.84
CA TYR C 98 11.33 -22.33 -0.99
C TYR C 98 10.60 -22.50 -2.28
N CYS C 99 9.41 -21.95 -2.41
CA CYS C 99 8.65 -21.94 -3.68
C CYS C 99 8.45 -20.47 -3.99
N ALA C 100 8.80 -20.04 -5.19
CA ALA C 100 8.75 -18.62 -5.58
C ALA C 100 7.90 -18.44 -6.82
N ARG C 101 7.33 -17.27 -6.99
CA ARG C 101 6.51 -16.97 -8.17
C ARG C 101 7.32 -16.07 -9.06
N GLN C 102 7.71 -16.53 -10.25
CA GLN C 102 8.35 -15.62 -11.20
C GLN C 102 7.22 -14.62 -11.40
N GLY C 103 7.49 -13.33 -11.39
CA GLY C 103 6.40 -12.35 -11.45
C GLY C 103 5.99 -12.05 -12.87
N TYR C 104 4.95 -11.24 -13.05
CA TYR C 104 4.44 -10.90 -14.40
C TYR C 104 5.53 -10.17 -15.14
N ARG C 105 5.70 -10.37 -16.45
CA ARG C 105 6.83 -9.80 -17.22
C ARG C 105 6.76 -8.28 -17.29
N ARG C 106 5.58 -7.72 -17.32
CA ARG C 106 5.38 -6.26 -17.41
C ARG C 106 5.91 -5.55 -16.17
N ARG C 107 5.76 -6.13 -14.98
CA ARG C 107 6.10 -5.44 -13.70
C ARG C 107 7.44 -5.85 -13.09
N SER C 108 7.86 -7.10 -13.19
CA SER C 108 9.06 -7.62 -12.49
C SER C 108 9.99 -8.42 -13.40
N GLY C 109 9.73 -8.48 -14.69
CA GLY C 109 10.57 -9.23 -15.63
C GLY C 109 10.62 -10.69 -15.24
N ARG C 110 11.80 -11.28 -15.12
CA ARG C 110 11.96 -12.72 -14.81
C ARG C 110 12.39 -12.87 -13.36
N GLY C 111 12.14 -11.86 -12.55
CA GLY C 111 12.48 -11.89 -11.12
C GLY C 111 11.43 -12.65 -10.34
N PHE C 112 11.69 -12.98 -9.10
CA PHE C 112 10.76 -13.75 -8.24
C PHE C 112 10.15 -12.74 -7.27
N ASP C 113 8.91 -12.32 -7.52
CA ASP C 113 8.26 -11.25 -6.73
C ASP C 113 7.90 -11.73 -5.33
N TYR C 114 7.38 -12.94 -5.19
CA TYR C 114 6.93 -13.47 -3.88
C TYR C 114 7.60 -14.79 -3.60
N TRP C 115 7.88 -15.08 -2.34
CA TRP C 115 8.50 -16.34 -1.90
C TRP C 115 7.72 -16.82 -0.68
N GLY C 116 7.89 -18.06 -0.29
CA GLY C 116 7.24 -18.61 0.91
C GLY C 116 8.20 -18.66 2.05
N GLN C 117 7.74 -18.99 3.25
CA GLN C 117 8.57 -19.08 4.46
C GLN C 117 9.65 -20.15 4.29
N GLY C 118 9.35 -21.24 3.60
CA GLY C 118 10.29 -22.35 3.35
C GLY C 118 9.92 -23.57 4.16
N THR C 119 10.34 -24.75 3.73
CA THR C 119 10.11 -26.01 4.47
C THR C 119 11.45 -26.72 4.58
N LEU C 120 11.78 -27.29 5.73
CA LEU C 120 13.10 -27.91 5.93
C LEU C 120 13.04 -29.39 5.61
N VAL C 121 13.99 -29.87 4.82
CA VAL C 121 14.12 -31.26 4.40
C VAL C 121 15.47 -31.75 4.88
N THR C 122 15.46 -32.80 5.71
CA THR C 122 16.67 -33.39 6.25
C THR C 122 16.73 -34.86 5.83
N VAL C 123 17.76 -35.20 5.05
CA VAL C 123 18.02 -36.57 4.63
C VAL C 123 19.19 -37.08 5.47
N SER C 124 18.93 -38.05 6.33
CA SER C 124 19.91 -38.50 7.31
C SER C 124 19.45 -39.84 7.88
N SER C 125 20.37 -40.62 8.43
CA SER C 125 20.06 -41.98 8.92
C SER C 125 19.64 -41.91 10.36
N ALA C 126 19.71 -40.73 10.93
CA ALA C 126 19.43 -40.60 12.35
C ALA C 126 17.93 -40.77 12.56
N SER C 127 17.53 -41.23 13.74
CA SER C 127 16.12 -41.40 14.11
C SER C 127 15.82 -40.25 15.06
N THR C 128 14.64 -39.65 14.99
CA THR C 128 14.30 -38.45 15.78
C THR C 128 14.55 -38.70 17.26
N LYS C 129 15.26 -37.80 17.94
CA LYS C 129 15.50 -37.90 19.40
C LYS C 129 15.20 -36.56 20.06
N GLY C 130 14.73 -36.60 21.29
CA GLY C 130 14.31 -35.39 21.98
C GLY C 130 15.44 -34.81 22.79
N PRO C 131 15.52 -33.49 22.90
CA PRO C 131 16.61 -32.91 23.59
C PRO C 131 16.61 -33.12 25.09
N SER C 132 17.78 -33.15 25.71
CA SER C 132 17.92 -33.19 27.17
C SER C 132 18.54 -31.86 27.55
N VAL C 133 17.84 -31.05 28.33
CA VAL C 133 18.31 -29.69 28.62
C VAL C 133 18.90 -29.70 30.00
N PHE C 134 20.11 -29.21 30.12
CA PHE C 134 20.82 -29.14 31.41
C PHE C 134 20.96 -27.66 31.71
N PRO C 135 21.17 -27.25 32.96
CA PRO C 135 21.22 -25.84 33.25
C PRO C 135 22.61 -25.22 33.40
N LEU C 136 22.93 -24.19 32.61
CA LEU C 136 24.17 -23.41 32.84
C LEU C 136 23.69 -22.38 33.85
N ALA C 137 24.28 -22.30 35.05
CA ALA C 137 23.78 -21.44 36.14
C ALA C 137 24.73 -20.28 36.47
N PRO C 138 24.24 -19.14 36.99
CA PRO C 138 25.11 -18.04 37.39
C PRO C 138 26.02 -18.41 38.56
N SER C 139 27.29 -17.99 38.54
CA SER C 139 28.27 -18.26 39.63
C SER C 139 28.71 -16.94 40.25
N SER C 140 28.45 -16.73 41.54
CA SER C 140 28.76 -15.43 42.22
C SER C 140 30.25 -15.11 42.04
N LYS C 141 31.09 -16.13 41.92
CA LYS C 141 32.56 -15.96 41.79
C LYS C 141 32.89 -15.14 40.53
N SER C 142 32.28 -15.42 39.38
CA SER C 142 32.61 -14.74 38.10
C SER C 142 31.42 -14.01 37.49
N THR C 143 30.20 -14.17 38.02
CA THR C 143 28.97 -13.57 37.45
C THR C 143 28.72 -12.23 38.13
N SER C 144 29.21 -12.04 39.36
CA SER C 144 29.01 -10.80 40.14
C SER C 144 29.68 -9.63 39.41
N GLY C 145 30.89 -9.83 38.90
CA GLY C 145 31.60 -8.78 38.14
C GLY C 145 30.75 -8.32 36.97
N GLY C 146 30.62 -7.02 36.76
CA GLY C 146 29.74 -6.50 35.69
C GLY C 146 28.33 -7.00 35.89
N THR C 147 27.72 -7.63 34.88
CA THR C 147 26.36 -8.22 34.96
C THR C 147 26.51 -9.74 34.99
N ALA C 148 25.54 -10.46 35.54
CA ALA C 148 25.58 -11.94 35.64
C ALA C 148 25.07 -12.56 34.34
N ALA C 149 25.42 -13.81 34.05
CA ALA C 149 24.98 -14.54 32.83
C ALA C 149 24.37 -15.89 33.23
N LEU C 150 23.17 -16.21 32.73
CA LEU C 150 22.49 -17.51 33.02
C LEU C 150 22.09 -18.15 31.69
N GLY C 151 22.42 -19.42 31.46
CA GLY C 151 22.15 -20.06 30.16
C GLY C 151 21.40 -21.38 30.28
N CYS C 152 20.96 -21.94 29.15
CA CYS C 152 20.33 -23.28 29.08
C CYS C 152 20.96 -24.05 27.93
N LEU C 153 21.62 -25.18 28.20
CA LEU C 153 22.26 -26.00 27.18
C LEU C 153 21.30 -27.09 26.74
N VAL C 154 20.91 -27.06 25.47
CA VAL C 154 20.10 -28.10 24.85
C VAL C 154 21.02 -29.02 24.08
N LYS C 155 21.00 -30.31 24.41
CA LYS C 155 22.04 -31.24 24.00
C LYS C 155 21.40 -32.54 23.54
N ASP C 156 22.05 -33.18 22.56
CA ASP C 156 21.66 -34.51 22.08
C ASP C 156 20.23 -34.52 21.54
N TYR C 157 19.99 -33.68 20.54
CA TYR C 157 18.73 -33.70 19.83
C TYR C 157 18.97 -33.83 18.33
N PHE C 158 18.12 -34.61 17.67
CA PHE C 158 18.07 -34.72 16.22
C PHE C 158 16.62 -34.88 15.82
N PRO C 159 16.20 -34.28 14.69
CA PRO C 159 16.89 -33.28 13.88
C PRO C 159 16.60 -31.82 14.24
N GLU C 160 17.02 -30.97 13.31
CA GLU C 160 16.78 -29.54 13.35
C GLU C 160 15.29 -29.26 13.15
N PRO C 161 14.77 -28.13 13.66
CA PRO C 161 15.35 -27.13 14.56
C PRO C 161 14.85 -27.22 16.01
N VAL C 162 15.34 -26.36 16.89
CA VAL C 162 14.71 -26.10 18.18
C VAL C 162 14.52 -24.60 18.32
N THR C 163 13.54 -24.22 19.14
CA THR C 163 13.32 -22.83 19.50
C THR C 163 13.41 -22.70 21.02
N VAL C 164 14.11 -21.67 21.47
CA VAL C 164 14.29 -21.41 22.89
C VAL C 164 13.83 -19.99 23.19
N SER C 165 12.94 -19.87 24.17
CA SER C 165 12.52 -18.59 24.72
C SER C 165 12.86 -18.53 26.19
N TRP C 166 12.82 -17.33 26.76
CA TRP C 166 13.08 -17.13 28.18
C TRP C 166 11.88 -16.44 28.80
N ASN C 167 11.38 -17.02 29.90
CA ASN C 167 10.19 -16.52 30.59
C ASN C 167 9.01 -16.35 29.64
N SER C 168 8.80 -17.34 28.77
CA SER C 168 7.70 -17.35 27.81
C SER C 168 7.74 -16.15 26.87
N GLY C 169 8.95 -15.76 26.46
CA GLY C 169 9.14 -14.67 25.54
C GLY C 169 9.20 -13.28 26.16
N ALA C 170 9.04 -13.18 27.48
CA ALA C 170 9.14 -11.88 28.13
C ALA C 170 10.55 -11.29 28.06
N LEU C 171 11.57 -12.15 28.10
CA LEU C 171 12.96 -11.70 28.09
C LEU C 171 13.46 -11.63 26.66
N THR C 172 13.63 -10.40 26.14
CA THR C 172 14.12 -10.21 24.78
C THR C 172 15.42 -9.45 24.66
N SER C 173 15.86 -8.73 25.70
CA SER C 173 17.11 -7.99 25.63
C SER C 173 18.24 -8.84 26.20
N GLY C 174 19.37 -8.87 25.50
CA GLY C 174 20.54 -9.61 25.95
C GLY C 174 20.46 -11.11 25.80
N VAL C 175 19.39 -11.64 25.23
CA VAL C 175 19.27 -13.08 24.99
C VAL C 175 19.96 -13.40 23.67
N HIS C 176 20.96 -14.27 23.72
CA HIS C 176 21.61 -14.77 22.52
C HIS C 176 21.39 -16.27 22.45
N THR C 177 20.61 -16.71 21.46
CA THR C 177 20.46 -18.13 21.16
C THR C 177 21.46 -18.49 20.07
N PHE C 178 22.39 -19.36 20.39
CA PHE C 178 23.42 -19.63 19.41
C PHE C 178 22.94 -20.63 18.35
N PRO C 179 23.50 -20.57 17.15
CA PRO C 179 23.21 -21.61 16.16
C PRO C 179 23.65 -22.99 16.64
N ALA C 180 22.83 -23.98 16.34
CA ALA C 180 23.15 -25.36 16.68
C ALA C 180 24.37 -25.84 15.89
N VAL C 181 25.22 -26.61 16.55
CA VAL C 181 26.38 -27.21 15.93
C VAL C 181 26.20 -28.72 15.94
N LEU C 182 26.52 -29.36 14.82
CA LEU C 182 26.48 -30.82 14.75
C LEU C 182 27.69 -31.36 15.51
N GLN C 183 27.45 -32.20 16.50
CA GLN C 183 28.48 -32.77 17.35
C GLN C 183 28.87 -34.17 16.86
N SER C 184 29.91 -34.71 17.49
CA SER C 184 30.47 -35.99 17.06
C SER C 184 29.45 -37.12 17.15
N SER C 185 28.46 -36.99 18.04
CA SER C 185 27.43 -38.01 18.19
C SER C 185 26.50 -38.08 16.98
N GLY C 186 26.50 -37.06 16.13
CA GLY C 186 25.49 -36.90 15.12
C GLY C 186 24.23 -36.24 15.63
N LEU C 187 24.19 -35.91 16.91
CA LEU C 187 23.10 -35.18 17.53
C LEU C 187 23.50 -33.73 17.69
N TYR C 188 22.53 -32.84 17.62
CA TYR C 188 22.82 -31.40 17.72
C TYR C 188 22.90 -30.95 19.18
N SER C 189 23.58 -29.81 19.36
CA SER C 189 23.66 -29.13 20.64
C SER C 189 23.74 -27.64 20.39
N LEU C 190 23.06 -26.87 21.24
CA LEU C 190 23.18 -25.42 21.22
C LEU C 190 22.98 -24.89 22.62
N SER C 191 23.23 -23.60 22.79
CA SER C 191 23.13 -22.96 24.11
C SER C 191 22.39 -21.65 23.94
N SER C 192 21.68 -21.20 24.96
CA SER C 192 21.03 -19.87 24.97
C SER C 192 21.59 -19.19 26.21
N VAL C 193 21.84 -17.89 26.21
CA VAL C 193 22.30 -17.19 27.44
C VAL C 193 21.55 -15.86 27.54
N VAL C 194 21.35 -15.34 28.75
CA VAL C 194 20.70 -14.02 28.95
C VAL C 194 21.50 -13.25 30.00
N THR C 195 21.66 -11.94 29.84
CA THR C 195 22.42 -11.09 30.79
C THR C 195 21.42 -10.40 31.68
N VAL C 196 21.46 -10.65 32.98
CA VAL C 196 20.42 -10.14 33.92
C VAL C 196 21.09 -9.57 35.16
N PRO C 197 20.56 -8.50 35.80
CA PRO C 197 21.22 -7.88 36.95
C PRO C 197 21.50 -8.80 38.14
N SER C 198 22.63 -8.62 38.82
CA SER C 198 22.98 -9.41 40.01
C SER C 198 22.00 -8.99 41.09
N SER C 199 21.35 -7.84 40.91
CA SER C 199 20.31 -7.35 41.84
C SER C 199 19.17 -8.36 41.88
N SER C 200 18.84 -8.96 40.74
CA SER C 200 17.74 -9.94 40.63
C SER C 200 18.27 -11.36 40.65
N LEU C 201 19.56 -11.54 40.89
CA LEU C 201 20.22 -12.87 40.76
C LEU C 201 19.53 -13.90 41.65
N GLY C 202 19.28 -13.61 42.93
CA GLY C 202 18.73 -14.60 43.85
C GLY C 202 17.25 -14.37 44.05
N THR C 203 16.79 -13.15 43.78
CA THR C 203 15.36 -12.79 43.99
C THR C 203 14.53 -13.66 43.06
N GLN C 204 15.01 -13.87 41.84
CA GLN C 204 14.24 -14.63 40.83
C GLN C 204 15.05 -15.78 40.26
N THR C 205 14.38 -16.84 39.83
CA THR C 205 15.02 -17.96 39.12
C THR C 205 14.31 -17.92 37.77
N TYR C 206 15.04 -17.78 36.66
CA TYR C 206 14.41 -17.59 35.33
C TYR C 206 14.07 -18.97 34.78
N ILE C 207 13.30 -19.07 33.70
CA ILE C 207 12.98 -20.37 33.04
C ILE C 207 13.37 -20.30 31.58
N CYS C 208 13.86 -21.40 30.98
CA CYS C 208 14.14 -21.45 29.52
C CYS C 208 13.13 -22.42 28.92
N ASN C 209 12.43 -22.02 27.86
CA ASN C 209 11.35 -22.84 27.27
C ASN C 209 11.84 -23.38 25.94
N VAL C 210 12.21 -24.65 25.91
CA VAL C 210 12.80 -25.26 24.73
C VAL C 210 11.74 -26.10 24.05
N ASN C 211 11.60 -25.92 22.75
CA ASN C 211 10.65 -26.68 21.94
C ASN C 211 11.40 -27.32 20.78
N HIS C 212 11.28 -28.63 20.67
CA HIS C 212 11.75 -29.43 19.53
C HIS C 212 10.51 -30.13 18.99
N LYS C 213 9.88 -29.48 18.01
CA LYS C 213 8.67 -30.03 17.41
C LYS C 213 8.84 -31.39 16.74
N PRO C 214 9.96 -31.72 16.08
CA PRO C 214 10.06 -33.05 15.46
C PRO C 214 9.85 -34.20 16.42
N SER C 215 10.22 -34.04 17.69
CA SER C 215 10.02 -35.07 18.69
C SER C 215 8.87 -34.76 19.64
N ASN C 216 8.16 -33.65 19.41
CA ASN C 216 7.10 -33.20 20.31
C ASN C 216 7.63 -33.01 21.73
N THR C 217 8.74 -32.30 21.84
CA THR C 217 9.41 -32.10 23.13
C THR C 217 9.28 -30.63 23.54
N LYS C 218 8.60 -30.39 24.66
CA LYS C 218 8.58 -29.08 25.30
C LYS C 218 9.13 -29.25 26.70
N VAL C 219 10.21 -28.53 27.00
CA VAL C 219 10.84 -28.61 28.32
C VAL C 219 11.01 -27.19 28.87
N ASP C 220 10.62 -27.00 30.13
CA ASP C 220 10.81 -25.70 30.81
C ASP C 220 11.77 -25.99 31.95
N LYS C 221 13.01 -25.51 31.88
CA LYS C 221 14.03 -25.81 32.92
C LYS C 221 14.35 -24.54 33.68
N LYS C 222 14.13 -24.57 34.98
CA LYS C 222 14.43 -23.39 35.83
C LYS C 222 15.93 -23.34 36.01
N VAL C 223 16.50 -22.17 35.87
CA VAL C 223 17.96 -21.97 36.05
C VAL C 223 18.07 -21.24 37.39
N GLU C 224 18.80 -21.79 38.35
CA GLU C 224 18.88 -21.23 39.72
C GLU C 224 20.34 -21.09 40.13
N PRO C 225 20.68 -20.17 41.03
CA PRO C 225 22.04 -20.09 41.52
C PRO C 225 22.28 -21.36 42.36
N LYS C 226 23.50 -21.89 42.35
CA LYS C 226 23.83 -23.05 43.15
C LYS C 226 24.22 -22.64 44.58
N SER C 227 24.16 -23.61 45.49
CA SER C 227 24.44 -23.39 46.91
C SER C 227 25.95 -23.38 47.16
N CYS C 228 26.61 -22.37 46.58
CA CYS C 228 28.07 -22.26 46.60
C CYS C 228 28.66 -22.43 48.00
N GLU D 4 -42.04 38.08 -17.24
CA GLU D 4 -43.38 37.70 -17.69
C GLU D 4 -43.40 36.34 -18.36
N VAL D 5 -42.45 36.10 -19.27
CA VAL D 5 -42.37 34.82 -19.95
C VAL D 5 -41.68 33.83 -19.02
N GLN D 6 -42.28 32.64 -18.89
CA GLN D 6 -41.78 31.65 -17.94
C GLN D 6 -42.07 30.25 -18.45
N LEU D 7 -41.14 29.34 -18.15
CA LEU D 7 -41.32 27.91 -18.37
C LEU D 7 -41.04 27.21 -17.05
N VAL D 8 -41.95 26.35 -16.62
CA VAL D 8 -41.79 25.59 -15.38
C VAL D 8 -41.85 24.12 -15.72
N GLU D 9 -40.75 23.42 -15.50
CA GLU D 9 -40.74 21.97 -15.66
C GLU D 9 -41.23 21.30 -14.39
N SER D 10 -41.77 20.10 -14.55
CA SER D 10 -42.23 19.30 -13.43
C SER D 10 -42.28 17.85 -13.86
N GLY D 11 -42.55 16.98 -12.90
CA GLY D 11 -42.69 15.56 -13.16
C GLY D 11 -41.43 14.75 -13.00
N GLY D 12 -40.34 15.36 -12.54
CA GLY D 12 -39.11 14.63 -12.31
C GLY D 12 -39.18 13.82 -11.04
N GLY D 13 -38.10 13.10 -10.77
CA GLY D 13 -38.05 12.26 -9.60
C GLY D 13 -37.14 11.07 -9.83
N LEU D 14 -37.33 10.05 -9.00
CA LEU D 14 -36.53 8.84 -9.03
C LEU D 14 -37.31 7.72 -9.71
N VAL D 15 -36.70 7.09 -10.71
CA VAL D 15 -37.31 5.98 -11.42
C VAL D 15 -36.28 4.86 -11.55
N GLN D 16 -36.77 3.62 -11.55
CA GLN D 16 -35.91 2.46 -11.70
C GLN D 16 -35.46 2.29 -13.15
N PRO D 17 -34.30 1.67 -13.38
CA PRO D 17 -33.83 1.47 -14.75
C PRO D 17 -34.80 0.61 -15.54
N GLY D 18 -35.01 0.99 -16.81
CA GLY D 18 -36.01 0.37 -17.63
C GLY D 18 -37.42 0.87 -17.39
N GLY D 19 -37.61 1.86 -16.52
CA GLY D 19 -38.91 2.40 -16.22
C GLY D 19 -39.19 3.68 -16.99
N SER D 20 -40.45 4.11 -16.90
CA SER D 20 -40.92 5.29 -17.63
C SER D 20 -41.13 6.46 -16.68
N LEU D 21 -40.95 7.66 -17.24
CA LEU D 21 -41.25 8.92 -16.57
C LEU D 21 -41.86 9.84 -17.61
N ARG D 22 -42.65 10.81 -17.17
CA ARG D 22 -43.22 11.77 -18.10
C ARG D 22 -43.05 13.17 -17.51
N LEU D 23 -42.23 13.98 -18.18
CA LEU D 23 -41.94 15.34 -17.79
C LEU D 23 -42.90 16.33 -18.44
N SER D 24 -43.21 17.39 -17.72
CA SER D 24 -44.08 18.44 -18.21
C SER D 24 -43.33 19.77 -18.19
N CYS D 25 -43.68 20.63 -19.14
CA CYS D 25 -43.13 21.97 -19.25
C CYS D 25 -44.32 22.90 -19.45
N ALA D 26 -44.77 23.52 -18.36
CA ALA D 26 -45.91 24.43 -18.41
C ALA D 26 -45.41 25.84 -18.70
N ALA D 27 -46.02 26.48 -19.69
CA ALA D 27 -45.59 27.80 -20.12
C ALA D 27 -46.52 28.88 -19.58
N SER D 28 -45.98 30.07 -19.40
CA SER D 28 -46.75 31.24 -19.02
C SER D 28 -46.16 32.46 -19.72
N GLY D 29 -47.02 33.43 -20.01
CA GLY D 29 -46.59 34.65 -20.66
C GLY D 29 -46.44 34.53 -22.16
N PHE D 30 -46.74 33.37 -22.74
CA PHE D 30 -46.69 33.14 -24.17
C PHE D 30 -47.41 31.84 -24.48
N TYR D 31 -47.78 31.68 -25.74
CA TYR D 31 -48.46 30.49 -26.24
C TYR D 31 -47.44 29.61 -26.96
N ILE D 32 -47.34 28.34 -26.56
CA ILE D 32 -46.32 27.46 -27.13
C ILE D 32 -46.55 27.17 -28.61
N SER D 33 -47.76 27.40 -29.11
CA SER D 33 -48.06 27.08 -30.50
C SER D 33 -47.28 27.94 -31.49
N TYR D 34 -46.81 29.11 -31.07
CA TYR D 34 -46.10 30.04 -31.94
C TYR D 34 -44.58 29.92 -31.81
N SER D 35 -44.09 28.89 -31.14
CA SER D 35 -42.67 28.75 -30.86
C SER D 35 -42.25 27.29 -31.01
N SER D 36 -40.95 27.09 -31.21
CA SER D 36 -40.37 25.76 -31.07
C SER D 36 -40.01 25.53 -29.61
N ILE D 37 -40.25 24.32 -29.12
CA ILE D 37 -39.97 23.98 -27.73
C ILE D 37 -38.88 22.92 -27.70
N HIS D 38 -37.88 23.12 -26.86
CA HIS D 38 -36.73 22.22 -26.79
C HIS D 38 -36.60 21.64 -25.39
N TRP D 39 -36.09 20.41 -25.32
CA TRP D 39 -35.65 19.80 -24.08
C TRP D 39 -34.15 19.59 -24.16
N VAL D 40 -33.43 20.10 -23.15
CA VAL D 40 -31.99 19.96 -23.02
C VAL D 40 -31.68 19.41 -21.63
N ARG D 41 -30.85 18.38 -21.56
CA ARG D 41 -30.50 17.78 -20.27
C ARG D 41 -29.04 18.05 -19.92
N GLN D 42 -28.76 18.02 -18.61
CA GLN D 42 -27.42 18.21 -18.07
C GLN D 42 -27.19 17.19 -16.97
N ALA D 43 -26.33 16.21 -17.25
CA ALA D 43 -25.93 15.25 -16.23
C ALA D 43 -25.13 15.96 -15.14
N PRO D 44 -25.24 15.52 -13.89
CA PRO D 44 -24.52 16.21 -12.80
C PRO D 44 -23.02 16.26 -13.06
N GLY D 45 -22.47 17.47 -13.00
CA GLY D 45 -21.05 17.67 -13.25
C GLY D 45 -20.65 17.62 -14.71
N LYS D 46 -21.60 17.70 -15.65
CA LYS D 46 -21.32 17.62 -17.07
C LYS D 46 -22.02 18.79 -17.78
N GLY D 47 -21.76 18.90 -19.09
CA GLY D 47 -22.29 19.98 -19.90
C GLY D 47 -23.71 19.73 -20.41
N LEU D 48 -24.23 20.74 -21.11
CA LEU D 48 -25.55 20.67 -21.69
C LEU D 48 -25.60 19.66 -22.84
N GLU D 49 -26.74 18.97 -22.96
CA GLU D 49 -26.95 18.04 -24.07
C GLU D 49 -28.36 18.25 -24.64
N TRP D 50 -28.43 18.66 -25.91
CA TRP D 50 -29.73 18.81 -26.56
C TRP D 50 -30.41 17.46 -26.66
N VAL D 51 -31.70 17.41 -26.32
CA VAL D 51 -32.44 16.16 -26.24
C VAL D 51 -33.53 16.08 -27.31
N ALA D 52 -34.38 17.10 -27.39
CA ALA D 52 -35.49 17.01 -28.32
C ALA D 52 -36.04 18.39 -28.66
N SER D 53 -36.78 18.47 -29.76
CA SER D 53 -37.40 19.71 -30.19
C SER D 53 -38.72 19.42 -30.88
N ILE D 54 -39.69 20.29 -30.69
CA ILE D 54 -40.95 20.28 -31.41
C ILE D 54 -41.14 21.62 -32.11
N SER D 55 -41.48 21.57 -33.41
CA SER D 55 -41.66 22.75 -34.25
C SER D 55 -43.07 23.30 -34.14
N PRO D 56 -43.27 24.56 -34.50
CA PRO D 56 -44.63 25.14 -34.48
C PRO D 56 -45.39 24.95 -35.79
N TYR D 57 -46.68 24.69 -35.65
CA TYR D 57 -47.73 24.61 -36.67
C TYR D 57 -47.67 23.33 -37.49
N SER D 58 -46.71 22.45 -37.25
CA SER D 58 -46.66 21.18 -37.96
C SER D 58 -46.61 20.03 -36.96
N GLY D 59 -46.01 20.27 -35.79
CA GLY D 59 -45.82 19.23 -34.82
C GLY D 59 -44.57 18.41 -35.03
N SER D 60 -43.80 18.79 -36.03
CA SER D 60 -42.60 18.01 -36.38
C SER D 60 -41.75 17.82 -35.13
N THR D 61 -41.28 16.59 -34.91
CA THR D 61 -40.47 16.25 -33.72
C THR D 61 -39.08 15.86 -34.19
N TYR D 62 -38.05 16.41 -33.55
CA TYR D 62 -36.67 16.03 -33.89
C TYR D 62 -36.02 15.56 -32.59
N TYR D 63 -35.26 14.46 -32.63
CA TYR D 63 -34.67 13.89 -31.40
C TYR D 63 -33.19 13.65 -31.60
N ALA D 64 -32.46 13.45 -30.51
CA ALA D 64 -31.02 13.14 -30.59
C ALA D 64 -30.83 11.62 -30.58
N ASP D 65 -29.68 11.14 -31.04
CA ASP D 65 -29.49 9.67 -31.15
C ASP D 65 -29.62 9.04 -29.78
N SER D 66 -29.13 9.70 -28.76
CA SER D 66 -29.12 9.08 -27.42
C SER D 66 -30.54 8.78 -26.97
N VAL D 67 -31.54 9.40 -27.59
CA VAL D 67 -32.91 9.23 -27.03
C VAL D 67 -33.86 8.71 -28.10
N LYS D 68 -33.38 8.45 -29.30
CA LYS D 68 -34.32 8.07 -30.38
C LYS D 68 -34.98 6.73 -30.09
N GLY D 69 -36.31 6.67 -30.16
CA GLY D 69 -37.07 5.43 -29.94
C GLY D 69 -37.51 5.24 -28.51
N ARG D 70 -36.87 5.93 -27.58
CA ARG D 70 -37.17 5.74 -26.14
C ARG D 70 -37.80 7.00 -25.57
N PHE D 71 -37.75 8.10 -26.32
CA PHE D 71 -38.29 9.40 -25.83
C PHE D 71 -39.29 9.97 -26.83
N THR D 72 -40.35 10.58 -26.32
CA THR D 72 -41.34 11.23 -27.21
C THR D 72 -41.62 12.65 -26.73
N ILE D 73 -41.51 13.63 -27.62
CA ILE D 73 -41.83 15.05 -27.28
C ILE D 73 -43.20 15.36 -27.86
N SER D 74 -44.09 15.89 -27.05
CA SER D 74 -45.47 16.19 -27.51
C SER D 74 -45.85 17.58 -27.01
N ALA D 75 -46.92 18.14 -27.56
CA ALA D 75 -47.39 19.44 -27.06
C ALA D 75 -48.90 19.43 -26.91
N ASP D 76 -49.41 20.01 -25.84
CA ASP D 76 -50.85 20.13 -25.63
C ASP D 76 -51.13 21.63 -25.52
N THR D 77 -51.62 22.22 -26.61
CA THR D 77 -51.83 23.66 -26.65
C THR D 77 -52.93 24.13 -25.71
N SER D 78 -53.97 23.31 -25.49
CA SER D 78 -55.06 23.75 -24.63
C SER D 78 -54.63 23.88 -23.17
N LYS D 79 -53.72 23.01 -22.73
CA LYS D 79 -53.09 23.19 -21.43
C LYS D 79 -51.78 23.95 -21.52
N ASN D 80 -51.41 24.39 -22.73
CA ASN D 80 -50.21 25.20 -22.96
C ASN D 80 -48.96 24.54 -22.37
N THR D 81 -48.84 23.23 -22.57
CA THR D 81 -47.78 22.48 -21.91
C THR D 81 -47.10 21.54 -22.89
N ALA D 82 -45.77 21.51 -22.84
CA ALA D 82 -45.03 20.51 -23.59
C ALA D 82 -44.74 19.31 -22.68
N TYR D 83 -44.47 18.16 -23.31
CA TYR D 83 -44.28 16.93 -22.58
C TYR D 83 -43.13 16.14 -23.18
N LEU D 84 -42.40 15.45 -22.31
CA LEU D 84 -41.36 14.51 -22.71
C LEU D 84 -41.64 13.18 -22.02
N GLN D 85 -41.98 12.16 -22.80
CA GLN D 85 -42.24 10.82 -22.29
C GLN D 85 -40.98 9.99 -22.47
N MET D 86 -40.47 9.45 -21.37
CA MET D 86 -39.25 8.66 -21.35
C MET D 86 -39.58 7.22 -21.02
N ASN D 87 -39.22 6.31 -21.92
CA ASN D 87 -39.37 4.89 -21.72
C ASN D 87 -37.98 4.27 -21.73
N SER D 88 -37.87 3.08 -21.16
CA SER D 88 -36.63 2.31 -21.12
C SER D 88 -35.46 3.18 -20.63
N LEU D 89 -35.65 3.80 -19.47
CA LEU D 89 -34.65 4.73 -18.97
C LEU D 89 -33.49 3.95 -18.36
N ARG D 90 -32.30 4.51 -18.46
CA ARG D 90 -31.11 3.88 -17.92
C ARG D 90 -30.25 4.91 -17.17
N ALA D 91 -29.24 4.39 -16.45
CA ALA D 91 -28.46 5.21 -15.52
C ALA D 91 -27.85 6.43 -16.19
N GLU D 92 -27.41 6.28 -17.44
CA GLU D 92 -26.81 7.39 -18.17
C GLU D 92 -27.79 8.55 -18.40
N ASP D 93 -29.08 8.34 -18.17
CA ASP D 93 -30.10 9.37 -18.36
C ASP D 93 -30.29 10.27 -17.16
N THR D 94 -29.64 9.98 -16.04
CA THR D 94 -29.78 10.79 -14.82
C THR D 94 -29.26 12.20 -15.08
N ALA D 95 -30.14 13.20 -14.94
CA ALA D 95 -29.75 14.57 -15.29
C ALA D 95 -30.83 15.54 -14.85
N VAL D 96 -30.48 16.82 -14.87
CA VAL D 96 -31.46 17.90 -14.76
C VAL D 96 -31.96 18.21 -16.16
N TYR D 97 -33.28 18.19 -16.35
CA TYR D 97 -33.89 18.44 -17.64
C TYR D 97 -34.50 19.83 -17.65
N TYR D 98 -34.01 20.67 -18.55
CA TYR D 98 -34.56 21.98 -18.87
C TYR D 98 -35.46 21.88 -20.10
N CYS D 99 -36.57 22.61 -20.08
CA CYS D 99 -37.24 22.95 -21.32
C CYS D 99 -36.95 24.42 -21.63
N ALA D 100 -36.74 24.70 -22.91
CA ALA D 100 -36.38 26.03 -23.37
C ALA D 100 -37.28 26.44 -24.52
N ARG D 101 -37.62 27.72 -24.54
CA ARG D 101 -38.31 28.31 -25.67
C ARG D 101 -37.28 28.77 -26.69
N GLN D 102 -37.50 28.43 -27.95
CA GLN D 102 -36.74 29.04 -29.02
C GLN D 102 -37.31 30.41 -29.31
N GLY D 103 -36.44 31.36 -29.62
CA GLY D 103 -36.88 32.73 -29.70
C GLY D 103 -37.54 33.00 -31.03
N TYR D 104 -38.15 34.17 -31.15
CA TYR D 104 -38.74 34.55 -32.41
C TYR D 104 -37.63 34.83 -33.41
N ARG D 105 -37.85 34.38 -34.65
CA ARG D 105 -36.79 34.41 -35.65
C ARG D 105 -36.37 35.84 -35.96
N ARG D 106 -37.33 36.77 -35.99
CA ARG D 106 -37.01 38.16 -36.23
C ARG D 106 -36.27 38.77 -35.05
N ARG D 107 -36.59 38.35 -33.82
CA ARG D 107 -36.03 38.97 -32.62
C ARG D 107 -34.78 38.27 -32.11
N SER D 108 -34.73 36.94 -32.16
CA SER D 108 -33.68 36.19 -31.47
C SER D 108 -33.04 35.12 -32.34
N GLY D 109 -33.30 35.12 -33.64
CA GLY D 109 -32.74 34.08 -34.48
C GLY D 109 -33.26 32.73 -34.02
N ARG D 110 -32.35 31.77 -33.84
CA ARG D 110 -32.71 30.47 -33.30
C ARG D 110 -32.22 30.23 -31.89
N GLY D 111 -31.75 31.27 -31.19
CA GLY D 111 -31.32 31.09 -29.83
C GLY D 111 -32.49 30.76 -28.92
N PHE D 112 -32.17 30.08 -27.82
CA PHE D 112 -33.17 29.75 -26.79
C PHE D 112 -33.18 30.92 -25.80
N ASP D 113 -34.26 31.70 -25.81
CA ASP D 113 -34.28 32.95 -25.07
C ASP D 113 -34.87 32.83 -23.66
N TYR D 114 -35.59 31.75 -23.37
CA TYR D 114 -36.13 31.54 -22.03
C TYR D 114 -35.98 30.08 -21.66
N TRP D 115 -35.53 29.83 -20.43
CA TRP D 115 -35.35 28.48 -19.92
C TRP D 115 -36.15 28.29 -18.64
N GLY D 116 -36.41 27.03 -18.31
CA GLY D 116 -36.93 26.69 -17.00
C GLY D 116 -35.84 26.54 -15.96
N GLN D 117 -36.27 26.34 -14.72
CA GLN D 117 -35.32 26.05 -13.64
C GLN D 117 -34.74 24.65 -13.72
N GLY D 118 -35.33 23.78 -14.52
CA GLY D 118 -34.92 22.40 -14.60
C GLY D 118 -35.71 21.51 -13.65
N THR D 119 -35.65 20.21 -13.91
CA THR D 119 -36.21 19.22 -13.00
C THR D 119 -35.31 18.00 -13.00
N LEU D 120 -35.04 17.45 -11.81
CA LEU D 120 -34.07 16.38 -11.69
C LEU D 120 -34.71 15.02 -11.94
N VAL D 121 -34.03 14.21 -12.73
CA VAL D 121 -34.43 12.84 -13.00
C VAL D 121 -33.27 11.94 -12.60
N THR D 122 -33.54 11.02 -11.67
CA THR D 122 -32.53 10.10 -11.14
C THR D 122 -32.96 8.68 -11.50
N VAL D 123 -32.14 8.01 -12.30
CA VAL D 123 -32.38 6.62 -12.67
C VAL D 123 -31.40 5.78 -11.88
N SER D 124 -31.94 4.97 -10.97
CA SER D 124 -31.13 4.17 -10.06
C SER D 124 -32.03 3.17 -9.36
N SER D 125 -31.46 2.03 -9.04
CA SER D 125 -32.18 0.98 -8.32
C SER D 125 -32.01 1.09 -6.81
N ALA D 126 -31.29 2.09 -6.34
CA ALA D 126 -31.06 2.28 -4.91
C ALA D 126 -32.36 2.60 -4.18
N SER D 127 -32.44 2.13 -2.94
CA SER D 127 -33.53 2.43 -2.03
C SER D 127 -33.11 3.51 -1.04
N THR D 128 -34.11 4.20 -0.48
CA THR D 128 -33.83 5.30 0.44
C THR D 128 -33.11 4.77 1.68
N LYS D 129 -31.99 5.41 2.02
CA LYS D 129 -31.19 5.00 3.17
C LYS D 129 -30.59 6.23 3.84
N GLY D 130 -30.65 6.25 5.17
CA GLY D 130 -30.06 7.33 5.92
C GLY D 130 -28.56 7.13 6.04
N PRO D 131 -27.82 8.24 6.10
CA PRO D 131 -26.36 8.15 6.16
C PRO D 131 -25.85 7.63 7.50
N SER D 132 -24.70 6.98 7.44
CA SER D 132 -23.87 6.79 8.63
C SER D 132 -22.86 7.92 8.68
N VAL D 133 -22.60 8.42 9.89
CA VAL D 133 -21.76 9.59 10.08
C VAL D 133 -20.61 9.22 11.01
N PHE D 134 -19.38 9.37 10.51
CA PHE D 134 -18.24 8.96 11.29
C PHE D 134 -17.30 10.13 11.56
N PRO D 135 -16.62 10.13 12.72
CA PRO D 135 -15.72 11.23 13.09
C PRO D 135 -14.37 11.14 12.39
N LEU D 136 -14.05 12.16 11.60
CA LEU D 136 -12.70 12.37 11.08
C LEU D 136 -11.95 13.14 12.17
N ALA D 137 -11.49 12.40 13.17
CA ALA D 137 -10.95 13.02 14.37
C ALA D 137 -9.70 13.84 14.04
N PRO D 138 -9.40 14.87 14.82
CA PRO D 138 -8.17 15.63 14.58
C PRO D 138 -6.94 14.81 14.89
N SER D 139 -5.89 15.04 14.10
CA SER D 139 -4.64 14.33 14.25
C SER D 139 -4.03 14.55 15.63
N SER D 140 -3.69 13.44 16.30
CA SER D 140 -3.03 13.55 17.60
C SER D 140 -1.66 14.21 17.46
N LYS D 141 -1.03 14.07 16.28
CA LYS D 141 0.25 14.70 15.99
C LYS D 141 0.12 16.16 15.56
N SER D 142 -1.04 16.77 15.78
CA SER D 142 -1.25 18.15 15.35
C SER D 142 -0.23 19.09 16.00
N THR D 143 0.08 20.16 15.29
CA THR D 143 1.05 21.13 15.77
C THR D 143 0.54 21.82 17.03
N SER D 144 1.47 22.17 17.93
CA SER D 144 1.04 22.70 19.22
C SER D 144 0.37 24.07 19.05
N GLY D 145 0.90 24.89 18.15
CA GLY D 145 0.36 26.22 17.90
C GLY D 145 -0.07 26.40 16.46
N GLY D 146 -0.20 25.28 15.74
CA GLY D 146 -0.59 25.30 14.34
C GLY D 146 -2.03 24.82 14.12
N THR D 147 -2.49 25.03 12.90
CA THR D 147 -3.84 24.66 12.52
C THR D 147 -4.02 23.14 12.48
N ALA D 148 -5.13 22.66 13.02
CA ALA D 148 -5.56 21.27 12.92
C ALA D 148 -6.82 21.19 12.05
N ALA D 149 -7.07 20.00 11.53
CA ALA D 149 -8.24 19.74 10.70
C ALA D 149 -9.07 18.60 11.30
N LEU D 150 -10.38 18.80 11.39
CA LEU D 150 -11.29 17.76 11.86
C LEU D 150 -12.52 17.75 10.96
N GLY D 151 -13.24 16.63 10.96
CA GLY D 151 -14.33 16.51 10.01
C GLY D 151 -15.32 15.43 10.35
N CYS D 152 -16.36 15.33 9.53
CA CYS D 152 -17.34 14.26 9.54
C CYS D 152 -17.44 13.61 8.15
N LEU D 153 -17.57 12.30 8.13
CA LEU D 153 -17.82 11.54 6.90
C LEU D 153 -19.27 11.08 6.89
N VAL D 154 -20.04 11.58 5.95
CA VAL D 154 -21.43 11.18 5.72
C VAL D 154 -21.43 10.16 4.60
N LYS D 155 -21.86 8.94 4.88
CA LYS D 155 -21.59 7.81 3.99
C LYS D 155 -22.81 6.93 3.82
N ASP D 156 -22.97 6.37 2.61
CA ASP D 156 -23.98 5.34 2.34
C ASP D 156 -25.40 5.86 2.58
N TYR D 157 -25.71 6.97 1.91
CA TYR D 157 -27.05 7.54 1.92
C TYR D 157 -27.57 7.70 0.50
N PHE D 158 -28.86 7.43 0.31
CA PHE D 158 -29.54 7.67 -0.94
C PHE D 158 -30.95 8.18 -0.63
N PRO D 159 -31.47 9.10 -1.45
CA PRO D 159 -30.82 9.89 -2.50
C PRO D 159 -30.30 11.23 -1.98
N GLU D 160 -29.86 12.10 -2.87
CA GLU D 160 -29.43 13.44 -2.45
C GLU D 160 -30.65 14.27 -2.07
N PRO D 161 -30.45 15.34 -1.28
CA PRO D 161 -29.21 15.78 -0.63
C PRO D 161 -29.12 15.47 0.85
N VAL D 162 -28.01 15.88 1.45
CA VAL D 162 -27.87 16.00 2.89
C VAL D 162 -27.44 17.42 3.19
N THR D 163 -27.71 17.86 4.41
CA THR D 163 -27.24 19.15 4.87
C THR D 163 -26.33 18.93 6.08
N VAL D 164 -25.23 19.66 6.13
CA VAL D 164 -24.27 19.55 7.22
C VAL D 164 -24.03 20.93 7.80
N SER D 165 -24.23 21.08 9.10
CA SER D 165 -23.81 22.26 9.82
C SER D 165 -22.81 21.83 10.89
N TRP D 166 -22.08 22.79 11.43
CA TRP D 166 -21.14 22.53 12.51
C TRP D 166 -21.51 23.37 13.73
N ASN D 167 -21.59 22.72 14.89
CA ASN D 167 -21.99 23.38 16.13
C ASN D 167 -23.33 24.09 15.98
N SER D 168 -24.27 23.42 15.31
CA SER D 168 -25.62 23.95 15.07
C SER D 168 -25.55 25.27 14.31
N GLY D 169 -24.60 25.37 13.38
CA GLY D 169 -24.43 26.54 12.55
C GLY D 169 -23.64 27.67 13.17
N ALA D 170 -23.18 27.53 14.41
CA ALA D 170 -22.34 28.57 15.00
C ALA D 170 -20.98 28.61 14.33
N LEU D 171 -20.43 27.44 13.98
CA LEU D 171 -19.13 27.35 13.33
C LEU D 171 -19.36 27.21 11.84
N THR D 172 -19.15 28.30 11.10
CA THR D 172 -19.28 28.30 9.65
C THR D 172 -18.01 28.71 8.93
N SER D 173 -17.01 29.26 9.62
CA SER D 173 -15.79 29.73 9.00
C SER D 173 -14.79 28.58 8.91
N GLY D 174 -14.15 28.45 7.75
CA GLY D 174 -13.19 27.40 7.50
C GLY D 174 -13.76 26.04 7.20
N VAL D 175 -15.09 25.91 7.16
CA VAL D 175 -15.74 24.63 6.83
C VAL D 175 -15.89 24.49 5.33
N HIS D 176 -15.44 23.36 4.80
CA HIS D 176 -15.65 22.95 3.42
C HIS D 176 -16.52 21.70 3.44
N THR D 177 -17.73 21.81 2.92
CA THR D 177 -18.57 20.64 2.66
C THR D 177 -18.35 20.25 1.20
N PHE D 178 -17.85 19.04 0.99
CA PHE D 178 -17.50 18.63 -0.36
C PHE D 178 -18.72 18.15 -1.14
N PRO D 179 -18.69 18.26 -2.46
CA PRO D 179 -19.77 17.66 -3.26
C PRO D 179 -19.83 16.16 -3.03
N ALA D 180 -21.04 15.63 -3.01
CA ALA D 180 -21.21 14.20 -2.88
C ALA D 180 -20.69 13.50 -4.13
N VAL D 181 -20.08 12.34 -3.95
CA VAL D 181 -19.67 11.49 -5.06
C VAL D 181 -20.47 10.21 -4.97
N LEU D 182 -21.03 9.79 -6.10
CA LEU D 182 -21.72 8.51 -6.17
C LEU D 182 -20.68 7.40 -6.25
N GLN D 183 -20.73 6.46 -5.32
CA GLN D 183 -19.76 5.37 -5.32
C GLN D 183 -20.37 4.17 -6.03
N SER D 184 -19.54 3.14 -6.24
CA SER D 184 -19.99 1.99 -7.01
C SER D 184 -21.21 1.31 -6.40
N SER D 185 -21.43 1.49 -5.09
CA SER D 185 -22.59 0.91 -4.42
C SER D 185 -23.91 1.50 -4.90
N GLY D 186 -23.88 2.64 -5.58
CA GLY D 186 -25.08 3.39 -5.86
C GLY D 186 -25.54 4.29 -4.72
N LEU D 187 -24.82 4.29 -3.61
CA LEU D 187 -25.09 5.17 -2.48
C LEU D 187 -24.16 6.37 -2.51
N TYR D 188 -24.63 7.50 -2.02
CA TYR D 188 -23.81 8.70 -2.01
C TYR D 188 -22.91 8.77 -0.77
N SER D 189 -21.82 9.54 -0.90
CA SER D 189 -20.92 9.81 0.19
C SER D 189 -20.30 11.18 0.02
N LEU D 190 -20.14 11.91 1.13
CA LEU D 190 -19.41 13.16 1.15
C LEU D 190 -18.76 13.32 2.52
N SER D 191 -17.87 14.31 2.63
CA SER D 191 -17.24 14.65 3.89
C SER D 191 -17.29 16.16 4.07
N SER D 192 -17.46 16.59 5.32
CA SER D 192 -17.40 18.01 5.68
C SER D 192 -16.27 18.21 6.69
N VAL D 193 -15.37 19.15 6.40
CA VAL D 193 -14.19 19.36 7.23
C VAL D 193 -14.10 20.82 7.64
N VAL D 194 -13.48 21.07 8.79
CA VAL D 194 -13.17 22.42 9.25
C VAL D 194 -11.75 22.44 9.81
N THR D 195 -11.05 23.54 9.58
CA THR D 195 -9.74 23.80 10.17
C THR D 195 -9.90 24.73 11.36
N VAL D 196 -9.34 24.32 12.50
CA VAL D 196 -9.44 25.07 13.75
C VAL D 196 -8.06 25.21 14.35
N PRO D 197 -7.82 26.23 15.18
CA PRO D 197 -6.55 26.29 15.91
C PRO D 197 -6.39 25.08 16.82
N SER D 198 -5.18 24.54 16.86
CA SER D 198 -4.92 23.33 17.65
C SER D 198 -5.01 23.57 19.14
N SER D 199 -4.87 24.83 19.59
CA SER D 199 -4.99 25.12 21.01
C SER D 199 -6.40 24.84 21.52
N SER D 200 -7.38 24.81 20.63
CA SER D 200 -8.79 24.70 20.98
C SER D 200 -9.31 23.28 21.02
N LEU D 201 -8.48 22.28 20.71
CA LEU D 201 -9.01 20.93 20.48
C LEU D 201 -9.51 20.29 21.77
N GLY D 202 -8.81 20.53 22.89
CA GLY D 202 -9.30 20.02 24.16
C GLY D 202 -10.32 20.92 24.82
N THR D 203 -10.27 22.23 24.54
CA THR D 203 -11.15 23.18 25.21
C THR D 203 -12.51 23.28 24.53
N GLN D 204 -12.58 23.13 23.21
CA GLN D 204 -13.77 23.44 22.43
C GLN D 204 -14.32 22.16 21.82
N THR D 205 -15.62 21.94 21.98
CA THR D 205 -16.28 20.76 21.46
C THR D 205 -16.86 21.04 20.07
N TYR D 206 -16.58 20.15 19.12
CA TYR D 206 -17.02 20.31 17.75
C TYR D 206 -18.03 19.21 17.43
N ILE D 207 -19.23 19.62 17.00
CA ILE D 207 -20.28 18.70 16.61
C ILE D 207 -20.69 19.04 15.18
N CYS D 208 -20.87 18.00 14.36
CA CYS D 208 -21.48 18.15 13.05
C CYS D 208 -22.91 17.62 13.09
N ASN D 209 -23.82 18.41 12.54
CA ASN D 209 -25.24 18.09 12.47
C ASN D 209 -25.54 17.74 11.03
N VAL D 210 -25.89 16.47 10.79
CA VAL D 210 -26.18 15.95 9.46
C VAL D 210 -27.67 15.68 9.38
N ASN D 211 -28.30 16.17 8.32
CA ASN D 211 -29.71 15.96 8.05
C ASN D 211 -29.87 15.31 6.68
N HIS D 212 -30.65 14.22 6.64
CA HIS D 212 -31.08 13.56 5.42
C HIS D 212 -32.60 13.46 5.50
N LYS D 213 -33.27 14.50 4.99
CA LYS D 213 -34.73 14.52 5.00
C LYS D 213 -35.38 13.34 4.27
N PRO D 214 -34.90 12.89 3.10
CA PRO D 214 -35.57 11.75 2.43
C PRO D 214 -35.72 10.51 3.31
N SER D 215 -34.78 10.24 4.20
CA SER D 215 -34.86 9.09 5.09
C SER D 215 -35.33 9.44 6.50
N ASN D 216 -35.60 10.72 6.77
CA ASN D 216 -35.98 11.16 8.12
C ASN D 216 -34.83 10.86 9.10
N THR D 217 -33.64 11.36 8.76
CA THR D 217 -32.46 11.10 9.56
C THR D 217 -31.84 12.42 10.04
N LYS D 218 -31.84 12.63 11.36
CA LYS D 218 -31.10 13.71 12.00
C LYS D 218 -30.06 13.09 12.91
N VAL D 219 -28.79 13.43 12.71
CA VAL D 219 -27.73 12.91 13.57
C VAL D 219 -26.79 14.06 13.95
N ASP D 220 -26.38 14.07 15.22
CA ASP D 220 -25.38 15.02 15.72
C ASP D 220 -24.20 14.21 16.21
N LYS D 221 -23.06 14.33 15.54
CA LYS D 221 -21.87 13.57 15.89
C LYS D 221 -20.80 14.51 16.43
N LYS D 222 -20.27 14.19 17.62
CA LYS D 222 -19.23 14.99 18.22
C LYS D 222 -17.89 14.40 17.82
N VAL D 223 -17.01 15.23 17.26
CA VAL D 223 -15.67 14.80 16.88
C VAL D 223 -14.68 15.33 17.91
N GLU D 224 -13.92 14.41 18.50
CA GLU D 224 -12.99 14.70 19.58
C GLU D 224 -11.69 13.94 19.33
N PRO D 225 -10.57 14.46 19.80
CA PRO D 225 -9.32 13.69 19.70
C PRO D 225 -9.44 12.37 20.43
N LYS D 226 -8.78 11.34 19.89
CA LYS D 226 -8.84 10.02 20.46
C LYS D 226 -7.75 9.86 21.53
N SER D 227 -7.72 8.68 22.16
CA SER D 227 -6.82 8.46 23.29
C SER D 227 -5.35 8.51 22.83
N CYS D 228 -4.52 9.04 23.72
CA CYS D 228 -3.09 9.30 23.47
C CYS D 228 -2.77 9.68 22.03
N SER E 1 26.69 -26.93 -20.91
CA SER E 1 27.16 -26.63 -19.53
C SER E 1 26.35 -25.48 -18.94
N ASP E 2 26.28 -25.42 -17.61
CA ASP E 2 25.49 -24.37 -16.94
C ASP E 2 26.28 -23.06 -16.97
N ILE E 3 25.57 -21.94 -16.90
CA ILE E 3 26.26 -20.62 -16.85
C ILE E 3 26.61 -20.35 -15.38
N GLN E 4 27.87 -20.23 -15.01
CA GLN E 4 28.25 -19.92 -13.61
C GLN E 4 28.12 -18.42 -13.39
N MET E 5 27.82 -17.97 -12.16
CA MET E 5 27.75 -16.52 -11.81
C MET E 5 28.65 -16.33 -10.60
N THR E 6 29.75 -15.57 -10.70
CA THR E 6 30.75 -15.45 -9.62
C THR E 6 30.62 -14.09 -8.95
N GLN E 7 30.01 -14.02 -7.77
CA GLN E 7 29.74 -12.74 -7.05
C GLN E 7 30.92 -12.34 -6.16
N SER E 8 31.04 -11.06 -5.80
CA SER E 8 32.11 -10.54 -4.92
C SER E 8 31.62 -9.26 -4.23
N PRO E 9 32.11 -8.84 -3.04
CA PRO E 9 32.84 -9.69 -2.12
C PRO E 9 31.95 -10.53 -1.20
N SER E 10 32.40 -11.72 -0.84
CA SER E 10 31.66 -12.64 0.06
C SER E 10 31.32 -11.92 1.37
N SER E 11 32.21 -11.07 1.88
CA SER E 11 32.00 -10.30 3.13
C SER E 11 32.26 -8.83 2.86
N LEU E 12 31.37 -7.95 3.33
CA LEU E 12 31.54 -6.48 3.16
C LEU E 12 31.16 -5.82 4.49
N SER E 13 31.99 -4.90 5.01
CA SER E 13 31.75 -4.18 6.29
C SER E 13 31.61 -2.69 6.02
N ALA E 14 30.63 -2.03 6.62
CA ALA E 14 30.39 -0.60 6.39
C ALA E 14 29.58 0.03 7.52
N SER E 15 29.14 1.27 7.37
CA SER E 15 28.39 2.04 8.36
C SER E 15 27.25 2.75 7.66
N VAL E 16 26.29 3.25 8.44
CA VAL E 16 25.16 3.96 7.87
C VAL E 16 25.64 5.10 7.00
N GLY E 17 25.10 5.21 5.78
CA GLY E 17 25.38 6.36 4.89
C GLY E 17 26.28 6.03 3.72
N ASP E 18 27.15 5.05 3.86
CA ASP E 18 28.15 4.78 2.80
C ASP E 18 27.43 4.35 1.53
N ARG E 19 28.05 4.55 0.38
CA ARG E 19 27.51 4.07 -0.92
C ARG E 19 28.25 2.77 -1.18
N VAL E 20 27.56 1.67 -1.49
CA VAL E 20 28.24 0.35 -1.59
C VAL E 20 28.07 -0.19 -2.99
N THR E 21 28.93 -1.11 -3.40
CA THR E 21 28.81 -1.78 -4.71
C THR E 21 29.11 -3.26 -4.53
N ILE E 22 28.30 -4.15 -5.13
CA ILE E 22 28.55 -5.62 -5.13
C ILE E 22 28.66 -6.01 -6.60
N THR E 23 29.52 -6.95 -6.98
CA THR E 23 29.71 -7.30 -8.42
C THR E 23 29.32 -8.75 -8.68
N CYS E 24 28.75 -9.06 -9.83
CA CYS E 24 28.43 -10.46 -10.22
C CYS E 24 28.93 -10.65 -11.65
N ARG E 25 29.91 -11.48 -11.90
CA ARG E 25 30.48 -11.63 -13.26
C ARG E 25 29.82 -12.85 -13.88
N ALA E 26 29.58 -12.89 -15.18
CA ALA E 26 28.82 -13.99 -15.82
C ALA E 26 29.75 -14.78 -16.75
N SER E 27 29.76 -16.11 -16.60
CA SER E 27 30.64 -16.98 -17.40
C SER E 27 30.30 -16.75 -18.87
N GLN E 28 29.01 -16.64 -19.21
CA GLN E 28 28.57 -16.47 -20.61
C GLN E 28 27.55 -15.35 -20.63
N SER E 29 27.44 -14.63 -21.74
CA SER E 29 26.42 -13.61 -21.86
C SER E 29 25.10 -14.11 -21.27
N VAL E 30 24.42 -13.24 -20.54
CA VAL E 30 23.09 -13.54 -20.01
C VAL E 30 22.14 -12.41 -20.38
N SER E 31 22.54 -11.56 -21.31
CA SER E 31 21.81 -10.37 -21.73
C SER E 31 21.51 -9.53 -20.49
N SER E 32 20.28 -9.06 -20.29
CA SER E 32 19.90 -8.32 -19.10
C SER E 32 19.11 -9.15 -18.10
N ALA E 33 18.99 -10.46 -18.32
CA ALA E 33 18.10 -11.32 -17.55
C ALA E 33 18.75 -11.72 -16.23
N VAL E 34 18.90 -10.72 -15.34
CA VAL E 34 19.46 -10.93 -14.01
C VAL E 34 18.62 -10.17 -13.01
N ALA E 35 18.63 -10.63 -11.76
CA ALA E 35 17.84 -10.06 -10.69
C ALA E 35 18.64 -10.04 -9.41
N TRP E 36 18.27 -9.14 -8.51
CA TRP E 36 18.92 -8.96 -7.22
C TRP E 36 17.88 -9.00 -6.10
N TYR E 37 18.21 -9.74 -5.03
CA TYR E 37 17.36 -9.90 -3.86
C TYR E 37 18.15 -9.68 -2.59
N GLN E 38 17.43 -9.32 -1.53
CA GLN E 38 17.97 -9.25 -0.18
C GLN E 38 17.30 -10.33 0.69
N GLN E 39 18.12 -11.09 1.41
CA GLN E 39 17.64 -12.06 2.39
C GLN E 39 18.17 -11.68 3.76
N LYS E 40 17.27 -11.38 4.68
CA LYS E 40 17.63 -11.19 6.08
C LYS E 40 17.66 -12.53 6.79
N PRO E 41 18.41 -12.64 7.90
CA PRO E 41 18.62 -13.96 8.52
C PRO E 41 17.31 -14.62 8.92
N GLY E 42 17.18 -15.89 8.56
CA GLY E 42 16.02 -16.68 8.92
C GLY E 42 14.75 -16.36 8.16
N LYS E 43 14.85 -15.65 7.02
CA LYS E 43 13.69 -15.18 6.30
C LYS E 43 13.86 -15.46 4.81
N ALA E 44 12.74 -15.36 4.08
CA ALA E 44 12.74 -15.56 2.64
C ALA E 44 13.31 -14.34 1.92
N PRO E 45 13.95 -14.53 0.76
CA PRO E 45 14.43 -13.40 -0.02
C PRO E 45 13.29 -12.52 -0.50
N LYS E 46 13.60 -11.25 -0.74
CA LYS E 46 12.64 -10.28 -1.27
C LYS E 46 13.27 -9.65 -2.50
N LEU E 47 12.44 -9.35 -3.50
CA LEU E 47 12.98 -8.89 -4.77
C LEU E 47 13.31 -7.40 -4.67
N LEU E 48 14.48 -7.04 -5.18
CA LEU E 48 14.94 -5.66 -5.22
C LEU E 48 15.04 -5.15 -6.65
N ILE E 49 15.75 -5.86 -7.52
CA ILE E 49 15.96 -5.37 -8.88
C ILE E 49 15.75 -6.49 -9.89
N TYR E 50 15.22 -6.11 -11.06
CA TYR E 50 15.01 -7.02 -12.18
C TYR E 50 15.51 -6.36 -13.46
N SER E 51 15.97 -7.19 -14.39
CA SER E 51 16.51 -6.77 -15.69
C SER E 51 17.78 -5.95 -15.54
N ALA E 52 18.39 -5.96 -14.36
CA ALA E 52 19.71 -5.41 -14.01
C ALA E 52 19.72 -3.90 -13.91
N SER E 53 18.61 -3.21 -14.21
CA SER E 53 18.52 -1.78 -13.96
C SER E 53 17.22 -1.34 -13.31
N SER E 54 16.19 -2.19 -13.27
CA SER E 54 14.84 -1.74 -12.94
C SER E 54 14.57 -1.91 -11.45
N LEU E 55 14.08 -0.83 -10.83
CA LEU E 55 13.75 -0.83 -9.41
C LEU E 55 12.39 -1.48 -9.21
N TYR E 56 12.35 -2.54 -8.40
CA TYR E 56 11.09 -3.24 -8.18
C TYR E 56 10.15 -2.41 -7.33
N SER E 57 8.85 -2.57 -7.58
CA SER E 57 7.84 -1.71 -6.99
C SER E 57 7.85 -1.78 -5.46
N GLY E 58 7.81 -0.62 -4.84
CA GLY E 58 7.71 -0.49 -3.40
C GLY E 58 8.99 -0.60 -2.61
N VAL E 59 10.09 -1.04 -3.23
CA VAL E 59 11.38 -1.06 -2.52
C VAL E 59 11.95 0.35 -2.64
N PRO E 60 12.70 0.82 -1.64
CA PRO E 60 13.11 2.24 -1.62
C PRO E 60 14.01 2.59 -2.80
N SER E 61 13.94 3.87 -3.20
CA SER E 61 14.67 4.37 -4.36
C SER E 61 16.18 4.48 -4.14
N ARG E 62 16.70 4.15 -2.97
CA ARG E 62 18.14 4.19 -2.74
C ARG E 62 18.89 2.98 -3.30
N PHE E 63 18.21 2.04 -3.94
CA PHE E 63 18.83 0.86 -4.53
C PHE E 63 18.89 1.01 -6.04
N SER E 64 19.98 0.54 -6.66
CA SER E 64 20.11 0.63 -8.11
C SER E 64 21.04 -0.47 -8.62
N GLY E 65 20.94 -0.76 -9.90
CA GLY E 65 21.77 -1.77 -10.53
C GLY E 65 22.18 -1.36 -11.93
N SER E 66 23.34 -1.86 -12.35
CA SER E 66 23.91 -1.55 -13.66
C SER E 66 24.45 -2.80 -14.33
N ARG E 67 24.49 -2.76 -15.67
CA ARG E 67 25.03 -3.83 -16.50
C ARG E 67 26.20 -3.34 -17.35
N SER E 68 27.33 -4.05 -17.27
CA SER E 68 28.44 -3.88 -18.21
C SER E 68 28.91 -5.26 -18.64
N GLY E 69 28.65 -5.62 -19.90
CA GLY E 69 29.03 -6.95 -20.38
C GLY E 69 28.43 -8.05 -19.53
N THR E 70 29.29 -8.97 -19.09
CA THR E 70 28.91 -10.08 -18.23
C THR E 70 29.00 -9.73 -16.76
N ASP E 71 29.32 -8.48 -16.43
CA ASP E 71 29.42 -7.99 -15.07
C ASP E 71 28.18 -7.14 -14.76
N PHE E 72 27.55 -7.41 -13.62
CA PHE E 72 26.38 -6.68 -13.18
C PHE E 72 26.65 -6.19 -11.76
N THR E 73 26.22 -4.97 -11.45
CA THR E 73 26.55 -4.40 -10.15
C THR E 73 25.29 -3.89 -9.47
N LEU E 74 25.25 -4.05 -8.15
CA LEU E 74 24.21 -3.47 -7.31
C LEU E 74 24.83 -2.43 -6.41
N THR E 75 24.20 -1.26 -6.34
CA THR E 75 24.74 -0.12 -5.60
C THR E 75 23.65 0.47 -4.72
N ILE E 76 24.00 0.70 -3.46
CA ILE E 76 23.15 1.41 -2.51
C ILE E 76 23.79 2.76 -2.19
N SER E 77 23.01 3.83 -2.30
CA SER E 77 23.56 5.17 -2.14
C SER E 77 23.86 5.49 -0.68
N SER E 78 22.96 5.12 0.23
CA SER E 78 23.15 5.39 1.65
C SER E 78 22.48 4.30 2.46
N LEU E 79 23.27 3.54 3.22
CA LEU E 79 22.70 2.49 4.06
C LEU E 79 21.81 3.08 5.13
N GLN E 80 20.78 2.33 5.47
CA GLN E 80 19.90 2.61 6.58
C GLN E 80 19.80 1.34 7.41
N PRO E 81 19.46 1.44 8.70
CA PRO E 81 19.60 0.28 9.60
C PRO E 81 18.89 -0.98 9.12
N GLU E 82 17.78 -0.85 8.40
CA GLU E 82 17.07 -2.01 7.89
C GLU E 82 17.76 -2.68 6.69
N ASP E 83 18.80 -2.06 6.12
CA ASP E 83 19.39 -2.54 4.88
C ASP E 83 20.52 -3.54 5.06
N PHE E 84 20.83 -3.96 6.29
CA PHE E 84 21.93 -4.89 6.53
C PHE E 84 21.42 -6.32 6.48
N ALA E 85 21.76 -7.03 5.40
CA ALA E 85 21.35 -8.41 5.18
C ALA E 85 22.31 -9.03 4.18
N THR E 86 21.99 -10.24 3.70
CA THR E 86 22.73 -10.86 2.62
C THR E 86 22.08 -10.52 1.29
N TYR E 87 22.88 -10.34 0.24
CA TYR E 87 22.38 -9.99 -1.08
C TYR E 87 22.78 -11.03 -2.12
N TYR E 88 21.81 -11.42 -2.96
CA TYR E 88 22.01 -12.45 -3.96
C TYR E 88 21.66 -11.94 -5.34
N CYS E 89 22.39 -12.40 -6.36
CA CYS E 89 22.06 -12.04 -7.77
C CYS E 89 21.72 -13.32 -8.52
N GLN E 90 20.79 -13.25 -9.48
CA GLN E 90 20.33 -14.49 -10.16
C GLN E 90 20.36 -14.32 -11.68
N GLN E 91 20.65 -15.39 -12.42
CA GLN E 91 20.59 -15.32 -13.91
C GLN E 91 19.33 -16.04 -14.37
N SER E 92 18.58 -15.42 -15.28
CA SER E 92 17.35 -16.06 -15.81
C SER E 92 17.35 -16.00 -17.33
N TYR E 93 18.53 -15.92 -17.95
CA TYR E 93 18.61 -15.92 -19.43
C TYR E 93 18.25 -17.29 -19.96
N SER E 94 18.81 -18.34 -19.36
CA SER E 94 18.57 -19.71 -19.86
C SER E 94 18.60 -20.72 -18.71
N PHE E 95 17.79 -21.77 -18.81
CA PHE E 95 17.79 -22.83 -17.78
C PHE E 95 19.01 -23.72 -18.00
N PRO E 96 19.64 -24.27 -16.94
CA PRO E 96 19.16 -24.07 -15.58
C PRO E 96 19.59 -22.72 -15.00
N ASN E 97 18.76 -22.12 -14.15
CA ASN E 97 19.11 -20.83 -13.51
C ASN E 97 20.24 -21.05 -12.50
N THR E 98 21.09 -20.05 -12.31
CA THR E 98 22.18 -20.14 -11.29
C THR E 98 22.19 -18.83 -10.50
N PHE E 99 22.59 -18.89 -9.23
CA PHE E 99 22.55 -17.69 -8.36
C PHE E 99 23.96 -17.34 -7.91
N GLY E 100 24.14 -16.12 -7.40
CA GLY E 100 25.45 -15.75 -6.83
C GLY E 100 25.68 -16.47 -5.53
N GLN E 101 26.94 -16.69 -5.16
CA GLN E 101 27.28 -17.44 -3.93
C GLN E 101 26.95 -16.62 -2.69
N GLY E 102 26.52 -15.37 -2.86
CA GLY E 102 26.07 -14.59 -1.69
C GLY E 102 27.10 -13.63 -1.15
N THR E 103 26.66 -12.49 -0.64
CA THR E 103 27.56 -11.49 -0.03
C THR E 103 26.86 -10.90 1.19
N LYS E 104 27.55 -10.78 2.33
CA LYS E 104 26.86 -10.33 3.56
C LYS E 104 27.25 -8.90 3.94
N VAL E 105 26.24 -8.10 4.26
CA VAL E 105 26.47 -6.68 4.65
C VAL E 105 26.34 -6.56 6.17
N GLU E 106 27.37 -6.04 6.84
CA GLU E 106 27.38 -5.93 8.32
C GLU E 106 27.70 -4.49 8.73
N ILE E 107 27.23 -4.05 9.90
CA ILE E 107 27.56 -2.69 10.41
C ILE E 107 29.00 -2.69 10.90
N LYS E 108 29.63 -1.54 11.06
CA LYS E 108 30.99 -1.50 11.66
C LYS E 108 30.85 -0.84 13.03
N ARG E 109 31.35 -1.47 14.09
CA ARG E 109 31.10 -0.89 15.45
C ARG E 109 32.40 -0.76 16.24
N THR E 110 32.42 0.19 17.18
CA THR E 110 33.63 0.44 17.99
C THR E 110 34.20 -0.89 18.50
N VAL E 111 35.49 -1.10 18.35
CA VAL E 111 36.10 -2.30 18.91
C VAL E 111 35.59 -2.49 20.34
N ALA E 112 35.01 -3.65 20.63
CA ALA E 112 34.45 -3.95 21.94
C ALA E 112 35.09 -5.21 22.50
N ALA E 113 35.52 -5.19 23.77
CA ALA E 113 36.24 -6.33 24.36
C ALA E 113 35.23 -7.35 24.89
N PRO E 114 35.38 -8.65 24.61
CA PRO E 114 34.42 -9.64 25.04
C PRO E 114 34.26 -9.75 26.56
N SER E 115 33.03 -9.94 27.05
CA SER E 115 32.75 -10.15 28.49
C SER E 115 32.73 -11.66 28.68
N VAL E 116 33.83 -12.26 29.13
CA VAL E 116 33.94 -13.74 29.21
C VAL E 116 33.25 -14.26 30.47
N PHE E 117 32.58 -15.42 30.40
CA PHE E 117 31.95 -16.09 31.55
C PHE E 117 32.33 -17.57 31.44
N ILE E 118 32.38 -18.32 32.52
CA ILE E 118 32.64 -19.79 32.47
C ILE E 118 31.54 -20.50 33.24
N PHE E 119 30.99 -21.59 32.68
CA PHE E 119 29.88 -22.37 33.29
C PHE E 119 30.33 -23.82 33.48
N PRO E 120 30.32 -24.40 34.70
CA PRO E 120 30.83 -25.76 34.89
C PRO E 120 29.79 -26.80 34.47
N PRO E 121 30.17 -28.06 34.21
CA PRO E 121 29.20 -29.10 33.88
C PRO E 121 28.19 -29.26 35.03
N SER E 122 26.93 -29.54 34.70
CA SER E 122 25.85 -29.68 35.70
C SER E 122 25.92 -31.07 36.34
N ASP E 123 25.22 -31.27 37.46
CA ASP E 123 25.21 -32.57 38.16
C ASP E 123 24.28 -33.51 37.40
N GLU E 124 23.30 -32.97 36.66
CA GLU E 124 22.36 -33.78 35.85
C GLU E 124 23.14 -34.41 34.71
N GLN E 125 24.19 -33.74 34.25
CA GLN E 125 24.99 -34.25 33.12
C GLN E 125 26.07 -35.18 33.65
N LEU E 126 26.49 -35.12 34.91
CA LEU E 126 27.55 -36.06 35.34
C LEU E 126 26.89 -37.41 35.61
N LYS E 127 25.62 -37.41 35.98
CA LYS E 127 24.87 -38.64 36.20
C LYS E 127 24.58 -39.37 34.89
N SER E 128 24.40 -38.63 33.80
CA SER E 128 24.23 -39.28 32.50
C SER E 128 25.50 -39.98 32.05
N GLY E 129 26.66 -39.42 32.38
CA GLY E 129 27.94 -40.02 32.07
C GLY E 129 28.79 -39.20 31.13
N THR E 130 28.38 -37.96 30.87
CA THR E 130 29.14 -37.02 30.07
C THR E 130 29.25 -35.71 30.85
N ALA E 131 30.29 -34.93 30.56
CA ALA E 131 30.45 -33.61 31.16
C ALA E 131 30.80 -32.62 30.06
N SER E 132 30.07 -31.51 30.00
CA SER E 132 30.37 -30.45 29.04
C SER E 132 30.45 -29.13 29.78
N VAL E 133 31.58 -28.44 29.61
CA VAL E 133 31.87 -27.15 30.23
C VAL E 133 31.88 -26.08 29.15
N VAL E 134 31.24 -24.94 29.44
CA VAL E 134 30.90 -23.94 28.41
C VAL E 134 31.56 -22.61 28.75
N CYS E 135 32.23 -22.01 27.76
CA CYS E 135 32.78 -20.67 27.86
C CYS E 135 32.01 -19.73 26.93
N LEU E 136 31.55 -18.60 27.48
CA LEU E 136 30.81 -17.59 26.74
C LEU E 136 31.65 -16.33 26.60
N LEU E 137 31.81 -15.85 25.36
CA LEU E 137 32.37 -14.55 25.05
C LEU E 137 31.22 -13.66 24.59
N ASN E 138 30.98 -12.58 25.32
CA ASN E 138 29.77 -11.78 25.20
C ASN E 138 30.10 -10.41 24.64
N ASN E 139 29.22 -9.90 23.77
CA ASN E 139 29.24 -8.50 23.30
C ASN E 139 30.64 -8.07 22.84
N PHE E 140 31.14 -8.74 21.80
CA PHE E 140 32.45 -8.41 21.26
C PHE E 140 32.38 -8.25 19.75
N TYR E 141 33.39 -7.55 19.20
CA TYR E 141 33.56 -7.32 17.78
C TYR E 141 35.04 -7.40 17.45
N PRO E 142 35.42 -7.97 16.28
CA PRO E 142 34.65 -8.74 15.30
C PRO E 142 34.44 -10.19 15.73
N ARG E 143 33.84 -11.06 14.90
CA ARG E 143 33.69 -12.46 15.29
C ARG E 143 35.02 -13.19 15.39
N GLU E 144 36.08 -12.54 14.93
CA GLU E 144 37.44 -13.15 14.93
C GLU E 144 38.01 -13.11 16.34
N ALA E 145 38.15 -14.26 16.97
CA ALA E 145 38.78 -14.39 18.31
C ALA E 145 39.20 -15.85 18.48
N LYS E 146 40.02 -16.15 19.48
CA LYS E 146 40.53 -17.52 19.71
C LYS E 146 40.25 -17.92 21.14
N VAL E 147 39.95 -19.19 21.37
CA VAL E 147 39.75 -19.71 22.75
C VAL E 147 40.45 -21.07 22.82
N GLN E 148 41.17 -21.33 23.89
CA GLN E 148 41.81 -22.65 24.13
C GLN E 148 41.45 -23.02 25.56
N TRP E 149 41.32 -24.30 25.86
CA TRP E 149 41.01 -24.75 27.24
C TRP E 149 42.16 -25.56 27.78
N LYS E 150 42.61 -25.23 28.99
CA LYS E 150 43.72 -25.95 29.65
C LYS E 150 43.15 -26.64 30.89
N VAL E 151 43.24 -27.96 30.98
CA VAL E 151 42.79 -28.71 32.18
C VAL E 151 44.03 -29.19 32.93
N ASP E 152 44.31 -28.61 34.10
CA ASP E 152 45.52 -28.96 34.88
C ASP E 152 46.69 -28.92 33.88
N ASN E 153 46.85 -27.81 33.16
CA ASN E 153 47.99 -27.64 32.22
C ASN E 153 48.00 -28.85 31.28
N ALA E 154 46.82 -29.26 30.79
CA ALA E 154 46.71 -30.38 29.83
C ALA E 154 45.88 -29.91 28.63
N LEU E 155 46.47 -29.09 27.76
CA LEU E 155 45.74 -28.55 26.59
C LEU E 155 45.19 -29.74 25.81
N GLN E 156 43.93 -29.67 25.36
CA GLN E 156 43.27 -30.77 24.59
C GLN E 156 42.90 -30.21 23.22
N SER E 157 42.99 -30.99 22.15
CA SER E 157 42.68 -30.55 20.78
C SER E 157 41.64 -31.47 20.14
N GLY E 158 40.72 -30.93 19.35
CA GLY E 158 39.68 -31.73 18.66
C GLY E 158 38.60 -32.16 19.63
N ASN E 159 38.56 -31.62 20.84
CA ASN E 159 37.60 -32.00 21.90
C ASN E 159 36.61 -30.86 22.12
N SER E 160 36.80 -29.74 21.44
CA SER E 160 35.99 -28.51 21.63
C SER E 160 35.25 -28.11 20.36
N GLN E 161 34.13 -27.39 20.49
CA GLN E 161 33.36 -26.86 19.33
C GLN E 161 33.02 -25.40 19.64
N GLU E 162 32.68 -24.59 18.63
CA GLU E 162 32.35 -23.17 18.78
C GLU E 162 31.12 -22.84 17.97
N SER E 163 30.36 -21.88 18.48
CA SER E 163 29.18 -21.33 17.82
C SER E 163 29.18 -19.82 18.03
N VAL E 164 28.78 -19.07 17.01
CA VAL E 164 28.71 -17.62 17.13
C VAL E 164 27.33 -17.16 16.67
N THR E 165 26.79 -16.16 17.36
CA THR E 165 25.58 -15.51 16.86
C THR E 165 25.91 -14.53 15.76
N GLU E 166 24.89 -14.13 15.02
CA GLU E 166 24.96 -13.04 14.07
C GLU E 166 24.90 -11.68 14.78
N GLN E 167 25.12 -10.63 13.99
CA GLN E 167 24.92 -9.24 14.42
C GLN E 167 23.55 -9.05 15.06
N ASP E 168 23.54 -8.42 16.24
CA ASP E 168 22.29 -8.08 16.90
C ASP E 168 21.75 -6.86 16.17
N SER E 169 20.42 -6.71 16.06
CA SER E 169 19.96 -5.56 15.28
C SER E 169 20.10 -4.28 16.11
N LYS E 170 20.38 -4.43 17.40
CA LYS E 170 20.44 -3.23 18.28
C LYS E 170 21.84 -3.09 18.89
N ASP E 171 22.33 -4.13 19.53
CA ASP E 171 23.65 -4.06 20.21
C ASP E 171 24.74 -4.02 19.14
N SER E 172 24.40 -4.36 17.90
CA SER E 172 25.41 -4.39 16.80
C SER E 172 26.68 -5.07 17.29
N THR E 173 26.53 -6.15 18.06
CA THR E 173 27.66 -6.89 18.62
C THR E 173 27.57 -8.38 18.24
N TYR E 174 28.55 -9.16 18.69
CA TYR E 174 28.52 -10.62 18.43
C TYR E 174 28.78 -11.37 19.72
N SER E 175 28.58 -12.69 19.71
CA SER E 175 28.86 -13.52 20.90
C SER E 175 29.32 -14.91 20.48
N LEU E 176 30.19 -15.56 21.26
CA LEU E 176 30.77 -16.89 20.93
C LEU E 176 30.54 -17.86 22.08
N SER E 177 30.47 -19.16 21.78
CA SER E 177 30.34 -20.21 22.80
C SER E 177 31.36 -21.29 22.44
N SER E 178 32.13 -21.82 23.39
CA SER E 178 33.05 -22.95 23.12
C SER E 178 32.71 -24.06 24.11
N THR E 179 32.43 -25.28 23.67
CA THR E 179 31.99 -26.34 24.59
C THR E 179 32.98 -27.51 24.56
N LEU E 180 33.47 -27.95 25.72
CA LEU E 180 34.38 -29.10 25.81
C LEU E 180 33.53 -30.29 26.24
N THR E 181 33.47 -31.36 25.48
CA THR E 181 32.74 -32.58 25.91
C THR E 181 33.76 -33.70 26.10
N LEU E 182 33.89 -34.18 27.31
CA LEU E 182 34.80 -35.30 27.67
C LEU E 182 33.92 -36.27 28.45
N SER E 183 34.42 -37.47 28.76
CA SER E 183 33.63 -38.49 29.49
C SER E 183 33.39 -38.02 30.92
N LYS E 184 32.49 -38.66 31.65
CA LYS E 184 32.33 -38.37 33.09
C LYS E 184 33.66 -38.83 33.65
N ALA E 185 34.16 -39.96 33.15
CA ALA E 185 35.44 -40.55 33.58
C ALA E 185 36.57 -39.52 33.46
N ASP E 186 36.65 -38.82 32.33
CA ASP E 186 37.78 -37.89 32.08
C ASP E 186 37.60 -36.64 32.95
N TYR E 187 36.39 -36.12 33.04
CA TYR E 187 36.17 -34.87 33.82
C TYR E 187 36.62 -35.10 35.25
N GLU E 188 36.27 -36.25 35.81
CA GLU E 188 36.62 -36.58 37.22
C GLU E 188 38.14 -36.65 37.35
N LYS E 189 38.85 -37.15 36.33
CA LYS E 189 40.31 -37.39 36.41
C LYS E 189 41.05 -36.09 36.72
N HIS E 190 40.63 -34.96 36.17
CA HIS E 190 41.33 -33.66 36.33
C HIS E 190 40.50 -32.73 37.22
N LYS E 191 41.09 -31.73 37.86
CA LYS E 191 40.37 -30.86 38.82
C LYS E 191 40.21 -29.42 38.30
N VAL E 192 41.26 -28.76 37.81
CA VAL E 192 41.15 -27.32 37.44
C VAL E 192 40.87 -27.21 35.94
N TYR E 193 39.82 -26.47 35.57
CA TYR E 193 39.46 -26.25 34.14
C TYR E 193 39.44 -24.76 33.89
N ALA E 194 40.13 -24.29 32.87
CA ALA E 194 40.24 -22.84 32.57
C ALA E 194 39.98 -22.53 31.10
N CYS E 195 39.39 -21.37 30.79
CA CYS E 195 39.08 -20.96 29.40
C CYS E 195 39.91 -19.71 29.08
N GLU E 196 40.96 -19.85 28.28
CA GLU E 196 41.87 -18.71 27.95
C GLU E 196 41.40 -18.08 26.64
N VAL E 197 41.07 -16.80 26.63
CA VAL E 197 40.52 -16.11 25.43
C VAL E 197 41.52 -15.06 24.96
N THR E 198 41.77 -14.96 23.65
CA THR E 198 42.64 -13.92 23.05
C THR E 198 41.78 -13.08 22.10
N HIS E 199 41.71 -11.78 22.28
CA HIS E 199 40.90 -10.88 21.41
C HIS E 199 41.64 -9.56 21.21
N GLN E 200 41.44 -8.89 20.08
CA GLN E 200 42.17 -7.64 19.76
C GLN E 200 41.83 -6.59 20.81
N GLY E 201 40.55 -6.36 21.08
CA GLY E 201 40.11 -5.42 22.11
C GLY E 201 40.54 -5.85 23.50
N LEU E 202 40.54 -7.16 23.77
CA LEU E 202 40.87 -7.67 25.14
C LEU E 202 42.26 -7.21 25.53
N SER E 203 43.24 -7.32 24.63
CA SER E 203 44.65 -6.95 24.91
C SER E 203 45.08 -7.68 26.18
N SER E 204 44.61 -8.92 26.36
CA SER E 204 44.97 -9.76 27.53
C SER E 204 44.65 -11.23 27.33
N PRO E 205 45.43 -12.18 27.90
CA PRO E 205 45.06 -13.59 27.92
C PRO E 205 44.21 -13.82 29.16
N VAL E 206 42.91 -13.52 29.12
CA VAL E 206 41.98 -13.64 30.29
C VAL E 206 41.75 -15.11 30.54
N THR E 207 41.50 -15.49 31.79
CA THR E 207 41.30 -16.91 32.15
C THR E 207 40.18 -17.09 33.18
N LYS E 208 38.93 -16.80 32.83
CA LYS E 208 37.82 -17.11 33.75
C LYS E 208 38.05 -18.59 34.03
N SER E 209 38.12 -19.01 35.29
CA SER E 209 38.50 -20.41 35.62
C SER E 209 37.76 -20.95 36.83
N PHE E 210 37.72 -22.27 36.97
CA PHE E 210 37.10 -22.93 38.14
C PHE E 210 37.89 -24.19 38.46
N ASN E 211 37.64 -24.80 39.61
CA ASN E 211 38.26 -26.08 39.99
C ASN E 211 37.08 -27.03 40.18
N ARG E 212 37.26 -28.34 40.05
CA ARG E 212 36.16 -29.31 40.06
C ARG E 212 35.45 -29.40 41.40
N GLY E 213 34.22 -29.91 41.40
CA GLY E 213 33.46 -30.10 42.63
C GLY E 213 33.16 -28.77 43.27
N GLU E 214 33.70 -28.52 44.45
CA GLU E 214 33.37 -27.32 45.25
C GLU E 214 33.53 -26.02 44.45
N CYS E 215 32.53 -25.14 44.51
CA CYS E 215 32.56 -23.83 43.81
C CYS E 215 33.88 -23.14 44.14
N SER F 1 -24.34 12.71 -41.01
CA SER F 1 -23.33 12.91 -39.98
C SER F 1 -23.68 14.12 -39.10
N ASP F 2 -23.64 13.91 -37.79
CA ASP F 2 -23.96 14.99 -36.86
C ASP F 2 -22.82 16.00 -36.80
N ILE F 3 -23.19 17.25 -36.55
CA ILE F 3 -22.22 18.34 -36.48
C ILE F 3 -21.63 18.37 -35.07
N GLN F 4 -20.31 18.52 -34.99
CA GLN F 4 -19.62 18.62 -33.72
C GLN F 4 -19.18 20.06 -33.49
N MET F 5 -19.33 20.52 -32.26
CA MET F 5 -18.87 21.84 -31.84
C MET F 5 -17.79 21.63 -30.79
N THR F 6 -16.57 22.06 -31.10
CA THR F 6 -15.42 21.82 -30.24
C THR F 6 -15.06 23.17 -29.63
N GLN F 7 -15.21 23.27 -28.32
CA GLN F 7 -15.05 24.53 -27.60
C GLN F 7 -13.71 24.54 -26.87
N SER F 8 -12.99 25.65 -26.99
CA SER F 8 -11.72 25.81 -26.31
C SER F 8 -11.62 27.21 -25.72
N PRO F 9 -10.99 27.33 -24.55
CA PRO F 9 -10.43 26.25 -23.71
C PRO F 9 -11.49 25.68 -22.78
N SER F 10 -11.31 24.47 -22.24
CA SER F 10 -12.31 23.93 -21.32
C SER F 10 -12.38 24.75 -20.04
N SER F 11 -11.24 25.25 -19.58
CA SER F 11 -11.18 26.11 -18.40
C SER F 11 -10.21 27.24 -18.64
N LEU F 12 -10.57 28.43 -18.17
CA LEU F 12 -9.77 29.64 -18.36
C LEU F 12 -9.71 30.40 -17.06
N SER F 13 -8.54 30.93 -16.72
CA SER F 13 -8.35 31.75 -15.54
C SER F 13 -8.01 33.18 -15.96
N ALA F 14 -8.74 34.14 -15.41
CA ALA F 14 -8.58 35.54 -15.75
C ALA F 14 -8.94 36.38 -14.54
N SER F 15 -8.71 37.69 -14.66
CA SER F 15 -8.95 38.64 -13.59
C SER F 15 -9.96 39.69 -14.06
N VAL F 16 -10.53 40.40 -13.09
CA VAL F 16 -11.47 41.47 -13.42
C VAL F 16 -10.79 42.47 -14.34
N GLY F 17 -11.49 42.87 -15.40
CA GLY F 17 -10.95 43.78 -16.37
C GLY F 17 -10.21 43.12 -17.52
N ASP F 18 -10.03 41.81 -17.48
CA ASP F 18 -9.37 41.10 -18.57
C ASP F 18 -10.27 41.02 -19.79
N ARG F 19 -9.64 41.05 -20.97
CA ARG F 19 -10.31 40.73 -22.23
C ARG F 19 -10.24 39.23 -22.46
N VAL F 20 -11.40 38.57 -22.56
CA VAL F 20 -11.47 37.12 -22.63
C VAL F 20 -12.09 36.69 -23.96
N THR F 21 -11.55 35.62 -24.55
CA THR F 21 -12.05 35.05 -25.80
C THR F 21 -12.21 33.54 -25.67
N ILE F 22 -13.38 33.03 -26.07
CA ILE F 22 -13.66 31.59 -26.11
C ILE F 22 -14.07 31.20 -27.52
N THR F 23 -13.48 30.12 -28.05
CA THR F 23 -13.75 29.72 -29.43
C THR F 23 -14.51 28.40 -29.53
N CYS F 24 -15.28 28.25 -30.61
CA CYS F 24 -16.00 27.04 -30.98
C CYS F 24 -15.77 26.74 -32.45
N ARG F 25 -15.38 25.52 -32.77
CA ARG F 25 -15.09 25.10 -34.13
C ARG F 25 -16.13 24.05 -34.53
N ALA F 26 -16.73 24.22 -35.70
CA ALA F 26 -17.75 23.28 -36.17
C ALA F 26 -17.13 22.31 -37.17
N SER F 27 -17.54 21.04 -37.08
CA SER F 27 -17.05 20.03 -38.02
C SER F 27 -17.51 20.30 -39.44
N GLN F 28 -18.63 21.01 -39.61
CA GLN F 28 -19.19 21.32 -40.92
C GLN F 28 -19.66 22.76 -40.90
N SER F 29 -20.21 23.21 -42.02
CA SER F 29 -20.84 24.52 -42.04
C SER F 29 -22.07 24.52 -41.14
N VAL F 30 -22.24 25.60 -40.39
CA VAL F 30 -23.44 25.81 -39.58
C VAL F 30 -23.97 27.19 -39.91
N SER F 31 -23.48 27.77 -41.00
CA SER F 31 -23.78 29.13 -41.44
C SER F 31 -23.56 30.06 -40.25
N SER F 32 -24.50 30.95 -39.93
CA SER F 32 -24.39 31.79 -38.75
C SER F 32 -25.28 31.32 -37.60
N ALA F 33 -25.83 30.11 -37.69
CA ALA F 33 -26.81 29.62 -36.73
C ALA F 33 -26.10 29.11 -35.48
N VAL F 34 -25.44 30.03 -34.77
CA VAL F 34 -24.69 29.71 -33.57
C VAL F 34 -25.08 30.68 -32.47
N ALA F 35 -25.18 30.17 -31.24
CA ALA F 35 -25.59 30.95 -30.08
C ALA F 35 -24.64 30.67 -28.93
N TRP F 36 -24.53 31.67 -28.05
CA TRP F 36 -23.70 31.59 -26.85
C TRP F 36 -24.56 31.86 -25.63
N TYR F 37 -24.34 31.05 -24.58
CA TYR F 37 -25.08 31.12 -23.34
C TYR F 37 -24.13 31.14 -22.15
N GLN F 38 -24.60 31.74 -21.07
CA GLN F 38 -23.91 31.76 -19.77
C GLN F 38 -24.70 30.93 -18.78
N GLN F 39 -24.01 30.06 -18.04
CA GLN F 39 -24.61 29.31 -16.94
C GLN F 39 -23.75 29.49 -15.70
N LYS F 40 -24.39 29.96 -14.59
CA LYS F 40 -23.84 30.03 -13.25
C LYS F 40 -24.30 28.84 -12.42
N PRO F 41 -23.51 28.42 -11.45
CA PRO F 41 -23.78 27.15 -10.74
C PRO F 41 -25.18 27.09 -10.16
N GLY F 42 -25.86 25.97 -10.42
CA GLY F 42 -27.19 25.75 -9.88
C GLY F 42 -28.31 26.48 -10.59
N LYS F 43 -28.02 27.10 -11.74
CA LYS F 43 -28.98 27.96 -12.42
C LYS F 43 -29.08 27.55 -13.88
N ALA F 44 -30.18 27.95 -14.51
CA ALA F 44 -30.39 27.64 -15.91
C ALA F 44 -29.51 28.54 -16.79
N PRO F 45 -29.15 28.06 -17.98
CA PRO F 45 -28.38 28.91 -18.90
C PRO F 45 -29.18 30.12 -19.33
N LYS F 46 -28.46 31.20 -19.64
CA LYS F 46 -29.06 32.44 -20.12
C LYS F 46 -28.46 32.80 -21.46
N LEU F 47 -29.32 33.18 -22.40
CA LEU F 47 -28.88 33.46 -23.76
C LEU F 47 -28.07 34.75 -23.79
N LEU F 48 -26.88 34.68 -24.39
CA LEU F 48 -26.01 35.84 -24.52
C LEU F 48 -25.98 36.35 -25.94
N ILE F 49 -25.79 35.46 -26.91
CA ILE F 49 -25.63 35.87 -28.29
C ILE F 49 -26.37 34.89 -29.20
N TYR F 50 -27.04 35.43 -30.22
CA TYR F 50 -27.73 34.63 -31.22
C TYR F 50 -27.24 35.02 -32.59
N SER F 51 -27.39 34.09 -33.54
CA SER F 51 -26.96 34.25 -34.94
C SER F 51 -25.48 34.57 -35.05
N ALA F 52 -24.73 34.33 -33.95
CA ALA F 52 -23.28 34.32 -33.82
C ALA F 52 -22.65 35.70 -33.82
N SER F 53 -23.42 36.77 -34.04
CA SER F 53 -22.89 38.12 -33.86
C SER F 53 -23.83 39.04 -33.09
N SER F 54 -25.09 38.66 -32.89
CA SER F 54 -26.10 39.58 -32.39
C SER F 54 -26.20 39.50 -30.88
N LEU F 55 -26.27 40.66 -30.23
CA LEU F 55 -26.37 40.72 -28.78
C LEU F 55 -27.83 40.57 -28.38
N TYR F 56 -28.11 39.62 -27.49
CA TYR F 56 -29.48 39.37 -27.09
C TYR F 56 -29.96 40.48 -26.15
N SER F 57 -31.25 40.78 -26.24
CA SER F 57 -31.83 41.92 -25.53
C SER F 57 -31.50 41.89 -24.05
N GLY F 58 -30.97 43.01 -23.56
CA GLY F 58 -30.68 43.17 -22.14
C GLY F 58 -29.33 42.66 -21.69
N VAL F 59 -28.58 41.98 -22.56
CA VAL F 59 -27.25 41.49 -22.21
C VAL F 59 -26.28 42.66 -22.31
N PRO F 60 -25.28 42.75 -21.42
CA PRO F 60 -24.42 43.93 -21.44
C PRO F 60 -23.61 44.01 -22.73
N SER F 61 -23.29 45.23 -23.13
CA SER F 61 -22.57 45.46 -24.37
C SER F 61 -21.11 45.02 -24.31
N ARG F 62 -20.63 44.54 -23.16
CA ARG F 62 -19.26 44.05 -23.08
C ARG F 62 -19.11 42.65 -23.64
N PHE F 63 -20.17 42.08 -24.21
CA PHE F 63 -20.13 40.78 -24.84
C PHE F 63 -20.29 40.97 -26.34
N SER F 64 -19.49 40.24 -27.12
CA SER F 64 -19.59 40.31 -28.57
C SER F 64 -19.32 38.92 -29.14
N GLY F 65 -19.82 38.70 -30.34
CA GLY F 65 -19.63 37.43 -31.02
C GLY F 65 -19.14 37.65 -32.43
N SER F 66 -18.20 36.81 -32.85
CA SER F 66 -17.62 36.94 -34.18
C SER F 66 -17.62 35.59 -34.88
N ARG F 67 -17.75 35.63 -36.20
CA ARG F 67 -17.69 34.46 -37.05
C ARG F 67 -16.54 34.60 -38.04
N SER F 68 -15.69 33.58 -38.10
CA SER F 68 -14.66 33.44 -39.14
C SER F 68 -14.76 32.02 -39.68
N GLY F 69 -15.32 31.87 -40.88
CA GLY F 69 -15.53 30.53 -41.42
C GLY F 69 -16.41 29.71 -40.50
N THR F 70 -15.94 28.54 -40.11
CA THR F 70 -16.65 27.67 -39.19
C THR F 70 -16.24 27.87 -37.74
N ASP F 71 -15.41 28.88 -37.47
CA ASP F 71 -14.95 29.20 -36.12
C ASP F 71 -15.74 30.40 -35.59
N PHE F 72 -16.26 30.27 -34.38
CA PHE F 72 -17.04 31.32 -33.74
C PHE F 72 -16.39 31.67 -32.42
N THR F 73 -16.34 32.96 -32.10
CA THR F 73 -15.70 33.38 -30.86
C THR F 73 -16.67 34.26 -30.08
N LEU F 74 -16.63 34.08 -28.76
CA LEU F 74 -17.33 34.94 -27.82
C LEU F 74 -16.27 35.72 -27.05
N THR F 75 -16.44 37.04 -27.00
CA THR F 75 -15.44 37.90 -26.41
C THR F 75 -16.09 38.79 -25.36
N ILE F 76 -15.46 38.86 -24.20
CA ILE F 76 -15.81 39.81 -23.15
C ILE F 76 -14.72 40.87 -23.12
N SER F 77 -15.11 42.12 -23.36
CA SER F 77 -14.14 43.20 -23.48
C SER F 77 -13.43 43.45 -22.16
N SER F 78 -14.16 43.42 -21.06
CA SER F 78 -13.58 43.64 -19.73
C SER F 78 -14.37 42.79 -18.75
N LEU F 79 -13.71 41.84 -18.12
CA LEU F 79 -14.39 40.98 -17.16
C LEU F 79 -14.87 41.80 -15.96
N GLN F 80 -16.02 41.40 -15.43
CA GLN F 80 -16.58 41.94 -14.20
C GLN F 80 -16.90 40.76 -13.29
N PRO F 81 -16.97 40.98 -11.97
CA PRO F 81 -17.10 39.82 -11.06
C PRO F 81 -18.31 38.96 -11.34
N GLU F 82 -19.41 39.53 -11.83
CA GLU F 82 -20.58 38.73 -12.16
C GLU F 82 -20.38 37.86 -13.39
N ASP F 83 -19.28 38.02 -14.12
CA ASP F 83 -19.07 37.35 -15.39
C ASP F 83 -18.32 36.02 -15.27
N PHE F 84 -18.03 35.56 -14.06
CA PHE F 84 -17.31 34.30 -13.88
C PHE F 84 -18.34 33.17 -13.85
N ALA F 85 -18.41 32.40 -14.93
CA ALA F 85 -19.36 31.31 -15.04
C ALA F 85 -18.86 30.33 -16.09
N THR F 86 -19.69 29.34 -16.42
CA THR F 86 -19.43 28.47 -17.56
C THR F 86 -20.15 29.04 -18.78
N TYR F 87 -19.51 28.96 -19.94
CA TYR F 87 -20.10 29.47 -21.17
C TYR F 87 -20.22 28.33 -22.18
N TYR F 88 -21.36 28.30 -22.88
CA TYR F 88 -21.66 27.23 -23.82
C TYR F 88 -21.97 27.82 -25.19
N CYS F 89 -21.58 27.10 -26.24
CA CYS F 89 -21.98 27.44 -27.60
C CYS F 89 -22.87 26.35 -28.16
N GLN F 90 -23.82 26.75 -29.01
CA GLN F 90 -24.78 25.83 -29.59
C GLN F 90 -24.93 26.12 -31.07
N GLN F 91 -24.98 25.06 -31.87
CA GLN F 91 -25.33 25.17 -33.28
C GLN F 91 -26.80 24.78 -33.47
N SER F 92 -27.51 25.56 -34.28
CA SER F 92 -28.90 25.28 -34.60
C SER F 92 -29.13 25.35 -36.10
N TYR F 93 -28.08 25.05 -36.88
CA TYR F 93 -28.19 25.06 -38.33
C TYR F 93 -28.95 23.83 -38.83
N SER F 94 -28.62 22.69 -38.26
CA SER F 94 -29.24 21.43 -38.71
C SER F 94 -29.51 20.55 -37.51
N PHE F 95 -30.68 19.94 -37.43
CA PHE F 95 -30.97 18.98 -36.36
C PHE F 95 -30.23 17.69 -36.68
N PRO F 96 -29.57 16.99 -35.73
CA PRO F 96 -29.76 17.21 -34.31
C PRO F 96 -28.87 18.34 -33.77
N ASN F 97 -29.39 19.21 -32.90
CA ASN F 97 -28.60 20.37 -32.41
C ASN F 97 -27.50 19.88 -31.49
N THR F 98 -26.34 20.52 -31.55
CA THR F 98 -25.20 20.07 -30.73
C THR F 98 -24.68 21.25 -29.91
N PHE F 99 -24.22 20.98 -28.70
CA PHE F 99 -23.68 22.04 -27.81
C PHE F 99 -22.21 21.79 -27.56
N GLY F 100 -21.47 22.87 -27.34
CA GLY F 100 -20.07 22.73 -26.97
C GLY F 100 -19.91 22.18 -25.57
N GLN F 101 -18.72 21.63 -25.31
CA GLN F 101 -18.51 20.97 -24.03
C GLN F 101 -18.43 21.95 -22.87
N GLY F 102 -18.28 23.23 -23.16
CA GLY F 102 -18.33 24.25 -22.13
C GLY F 102 -16.95 24.82 -21.82
N THR F 103 -16.95 26.04 -21.33
CA THR F 103 -15.72 26.71 -20.90
C THR F 103 -16.03 27.45 -19.62
N LYS F 104 -15.28 27.15 -18.56
CA LYS F 104 -15.49 27.75 -17.27
C LYS F 104 -14.47 28.87 -17.09
N VAL F 105 -14.94 30.04 -16.70
CA VAL F 105 -14.09 31.21 -16.54
C VAL F 105 -14.01 31.47 -15.04
N GLU F 106 -12.81 31.34 -14.49
CA GLU F 106 -12.60 31.40 -13.05
C GLU F 106 -11.59 32.48 -12.70
N ILE F 107 -11.69 32.94 -11.45
CA ILE F 107 -10.82 33.99 -10.94
C ILE F 107 -9.38 33.50 -10.86
N LYS F 108 -8.45 34.34 -11.31
CA LYS F 108 -7.02 34.05 -11.25
C LYS F 108 -6.46 34.56 -9.92
N ARG F 109 -5.59 33.76 -9.31
CA ARG F 109 -5.13 34.05 -7.96
C ARG F 109 -3.69 33.58 -7.82
N THR F 110 -3.05 34.06 -6.74
CA THR F 110 -1.68 33.68 -6.43
C THR F 110 -1.60 32.19 -6.16
N VAL F 111 -0.47 31.58 -6.55
CA VAL F 111 -0.27 30.17 -6.27
C VAL F 111 -0.19 29.96 -4.77
N ALA F 112 -1.02 29.04 -4.26
CA ALA F 112 -1.11 28.74 -2.84
C ALA F 112 -0.88 27.26 -2.63
N ALA F 113 -0.01 26.93 -1.70
CA ALA F 113 0.28 25.51 -1.47
C ALA F 113 -0.86 24.85 -0.71
N PRO F 114 -1.19 23.61 -1.03
CA PRO F 114 -2.21 22.88 -0.26
C PRO F 114 -1.70 22.46 1.11
N SER F 115 -2.58 22.56 2.10
CA SER F 115 -2.30 21.99 3.41
C SER F 115 -2.91 20.59 3.45
N VAL F 116 -2.11 19.57 3.74
CA VAL F 116 -2.54 18.18 3.59
C VAL F 116 -2.73 17.58 4.96
N PHE F 117 -3.86 16.91 5.17
CA PHE F 117 -4.18 16.24 6.44
C PHE F 117 -4.55 14.81 6.08
N ILE F 118 -4.37 13.87 6.98
CA ILE F 118 -4.77 12.46 6.76
C ILE F 118 -5.63 12.04 7.94
N PHE F 119 -6.77 11.43 7.67
CA PHE F 119 -7.72 10.99 8.71
C PHE F 119 -7.78 9.47 8.63
N PRO F 120 -7.36 8.75 9.67
CA PRO F 120 -7.48 7.31 9.69
C PRO F 120 -8.94 6.90 9.84
N PRO F 121 -9.29 5.66 9.45
CA PRO F 121 -10.64 5.18 9.65
C PRO F 121 -11.12 5.35 11.09
N SER F 122 -12.39 5.66 11.28
CA SER F 122 -12.99 5.78 12.63
C SER F 122 -13.24 4.38 13.15
N ASP F 123 -13.37 4.24 14.46
CA ASP F 123 -13.59 2.93 15.08
C ASP F 123 -15.03 2.51 14.82
N GLU F 124 -16.01 3.43 14.85
CA GLU F 124 -17.39 3.08 14.53
C GLU F 124 -17.50 2.47 13.13
N GLN F 125 -16.76 3.03 12.16
CA GLN F 125 -16.81 2.49 10.81
C GLN F 125 -16.21 1.10 10.75
N LEU F 126 -15.12 0.86 11.49
CA LEU F 126 -14.55 -0.47 11.54
C LEU F 126 -15.50 -1.46 12.20
N LYS F 127 -16.30 -1.00 13.16
CA LYS F 127 -17.36 -1.87 13.68
C LYS F 127 -18.43 -2.14 12.63
N SER F 128 -18.63 -1.20 11.71
CA SER F 128 -19.59 -1.44 10.64
C SER F 128 -19.08 -2.44 9.61
N GLY F 129 -17.76 -2.57 9.46
CA GLY F 129 -17.18 -3.55 8.56
C GLY F 129 -16.52 -2.99 7.32
N THR F 130 -16.35 -1.68 7.21
CA THR F 130 -15.66 -1.04 6.10
C THR F 130 -14.67 -0.04 6.67
N ALA F 131 -13.66 0.32 5.90
CA ALA F 131 -12.67 1.33 6.32
C ALA F 131 -12.53 2.40 5.24
N SER F 132 -12.59 3.67 5.59
CA SER F 132 -12.34 4.77 4.63
C SER F 132 -11.29 5.68 5.24
N VAL F 133 -10.27 6.01 4.47
CA VAL F 133 -9.18 6.88 4.96
C VAL F 133 -9.26 8.13 4.10
N VAL F 134 -9.37 9.31 4.69
CA VAL F 134 -9.62 10.56 3.91
C VAL F 134 -8.41 11.45 3.90
N CYS F 135 -7.92 11.84 2.74
CA CYS F 135 -6.84 12.83 2.61
C CYS F 135 -7.55 14.13 2.33
N LEU F 136 -7.15 15.23 2.92
CA LEU F 136 -7.68 16.55 2.68
C LEU F 136 -6.56 17.44 2.18
N LEU F 137 -6.75 18.04 1.01
CA LEU F 137 -5.88 19.08 0.48
C LEU F 137 -6.66 20.39 0.58
N ASN F 138 -6.17 21.31 1.40
CA ASN F 138 -6.93 22.48 1.79
C ASN F 138 -6.32 23.75 1.23
N ASN F 139 -7.21 24.62 0.74
CA ASN F 139 -6.91 26.01 0.40
C ASN F 139 -5.69 26.16 -0.50
N PHE F 140 -5.81 25.57 -1.70
CA PHE F 140 -4.74 25.60 -2.70
C PHE F 140 -5.28 26.16 -4.02
N TYR F 141 -4.36 26.71 -4.81
CA TYR F 141 -4.61 27.24 -6.14
C TYR F 141 -3.34 26.97 -6.93
N PRO F 142 -3.43 26.56 -8.20
CA PRO F 142 -4.66 26.26 -8.97
C PRO F 142 -5.31 24.93 -8.64
N ARG F 143 -6.43 24.63 -9.31
CA ARG F 143 -7.17 23.41 -9.05
C ARG F 143 -6.42 22.16 -9.46
N GLU F 144 -5.48 22.25 -10.40
CA GLU F 144 -4.74 21.07 -10.83
C GLU F 144 -3.82 20.61 -9.70
N ALA F 145 -4.00 19.36 -9.29
CA ALA F 145 -3.25 18.76 -8.19
C ALA F 145 -3.39 17.25 -8.32
N LYS F 146 -2.40 16.54 -7.82
CA LYS F 146 -2.39 15.08 -7.92
C LYS F 146 -2.29 14.48 -6.53
N VAL F 147 -3.13 13.46 -6.28
CA VAL F 147 -3.17 12.75 -5.02
C VAL F 147 -2.97 11.26 -5.31
N GLN F 148 -2.04 10.65 -4.60
CA GLN F 148 -1.61 9.28 -4.83
C GLN F 148 -1.62 8.57 -3.48
N TRP F 149 -2.10 7.33 -3.47
CA TRP F 149 -2.22 6.59 -2.22
C TRP F 149 -1.17 5.50 -2.20
N LYS F 150 -0.47 5.39 -1.07
CA LYS F 150 0.53 4.35 -0.87
C LYS F 150 0.16 3.52 0.35
N VAL F 151 0.06 2.22 0.18
CA VAL F 151 -0.16 1.30 1.30
C VAL F 151 1.10 0.46 1.40
N ASP F 152 1.86 0.64 2.48
CA ASP F 152 3.15 -0.02 2.62
C ASP F 152 4.04 0.26 1.41
N ASN F 153 4.03 1.52 0.97
CA ASN F 153 4.72 1.98 -0.24
C ASN F 153 4.23 1.27 -1.50
N ALA F 154 3.02 0.72 -1.49
CA ALA F 154 2.40 0.11 -2.67
C ALA F 154 1.31 1.04 -3.19
N LEU F 155 1.51 1.54 -4.41
CA LEU F 155 0.57 2.44 -5.05
C LEU F 155 -0.77 1.75 -5.31
N GLN F 156 -1.86 2.42 -4.94
CA GLN F 156 -3.22 1.87 -5.08
C GLN F 156 -3.90 2.54 -6.28
N SER F 157 -4.58 1.79 -7.13
CA SER F 157 -5.31 2.32 -8.31
C SER F 157 -6.73 1.79 -8.34
N GLY F 158 -7.73 2.64 -8.59
CA GLY F 158 -9.13 2.20 -8.75
C GLY F 158 -9.89 2.08 -7.45
N ASN F 159 -9.27 2.43 -6.32
CA ASN F 159 -9.94 2.38 -4.99
C ASN F 159 -10.08 3.79 -4.41
N SER F 160 -9.76 4.86 -5.16
CA SER F 160 -9.79 6.26 -4.65
C SER F 160 -10.80 7.13 -5.40
N GLN F 161 -11.64 7.86 -4.67
CA GLN F 161 -12.61 8.82 -5.26
C GLN F 161 -12.28 10.23 -4.76
N GLU F 162 -12.28 11.23 -5.63
CA GLU F 162 -11.93 12.59 -5.30
C GLU F 162 -13.16 13.48 -5.42
N SER F 163 -13.17 14.54 -4.61
CA SER F 163 -14.20 15.56 -4.66
C SER F 163 -13.53 16.91 -4.49
N VAL F 164 -13.92 17.89 -5.31
CA VAL F 164 -13.35 19.22 -5.25
C VAL F 164 -14.46 20.22 -4.99
N THR F 165 -14.18 21.19 -4.13
CA THR F 165 -15.07 22.31 -3.88
C THR F 165 -14.93 23.35 -4.98
N GLU F 166 -15.95 24.20 -5.10
CA GLU F 166 -15.86 25.33 -6.01
C GLU F 166 -14.88 26.36 -5.44
N GLN F 167 -14.57 27.38 -6.23
CA GLN F 167 -13.64 28.43 -5.78
C GLN F 167 -14.28 29.20 -4.63
N ASP F 168 -13.52 29.50 -3.59
CA ASP F 168 -14.05 30.19 -2.40
C ASP F 168 -14.33 31.65 -2.72
N SER F 169 -15.34 32.22 -2.07
CA SER F 169 -15.72 33.64 -2.28
C SER F 169 -14.59 34.55 -1.81
N LYS F 170 -13.93 34.22 -0.70
CA LYS F 170 -12.86 35.08 -0.16
C LYS F 170 -11.47 34.62 -0.61
N ASP F 171 -11.12 33.35 -0.40
CA ASP F 171 -9.73 32.86 -0.70
C ASP F 171 -9.52 32.68 -2.20
N SER F 172 -10.58 32.57 -2.99
CA SER F 172 -10.39 32.29 -4.42
C SER F 172 -9.52 31.04 -4.53
N THR F 173 -9.77 30.06 -3.66
CA THR F 173 -8.98 28.85 -3.60
C THR F 173 -9.87 27.62 -3.74
N TYR F 174 -9.23 26.45 -3.83
CA TYR F 174 -9.91 25.18 -3.96
C TYR F 174 -9.58 24.27 -2.78
N SER F 175 -10.43 23.27 -2.58
CA SER F 175 -10.16 22.22 -1.60
C SER F 175 -10.58 20.88 -2.20
N LEU F 176 -9.81 19.85 -1.87
CA LEU F 176 -10.08 18.51 -2.44
C LEU F 176 -10.06 17.47 -1.34
N SER F 177 -10.98 16.52 -1.41
CA SER F 177 -10.98 15.40 -0.43
C SER F 177 -10.75 14.12 -1.20
N SER F 178 -9.84 13.27 -0.76
CA SER F 178 -9.68 11.96 -1.43
C SER F 178 -10.00 10.88 -0.42
N THR F 179 -10.93 9.99 -0.74
CA THR F 179 -11.35 8.90 0.17
C THR F 179 -10.89 7.58 -0.45
N LEU F 180 -10.15 6.77 0.31
CA LEU F 180 -9.68 5.44 -0.15
C LEU F 180 -10.49 4.38 0.58
N THR F 181 -11.22 3.53 -0.13
CA THR F 181 -12.15 2.56 0.51
C THR F 181 -11.53 1.17 0.46
N LEU F 182 -11.31 0.56 1.61
CA LEU F 182 -10.73 -0.80 1.73
C LEU F 182 -11.68 -1.59 2.62
N SER F 183 -11.63 -2.92 2.61
CA SER F 183 -12.45 -3.75 3.51
C SER F 183 -11.83 -3.60 4.90
N LYS F 184 -12.52 -4.01 5.95
CA LYS F 184 -11.90 -3.96 7.29
C LYS F 184 -10.73 -4.93 7.31
N ALA F 185 -10.89 -6.11 6.71
CA ALA F 185 -9.85 -7.15 6.71
C ALA F 185 -8.63 -6.68 5.93
N ASP F 186 -8.84 -6.08 4.77
CA ASP F 186 -7.72 -5.63 3.92
C ASP F 186 -7.04 -4.51 4.69
N TYR F 187 -7.80 -3.66 5.36
CA TYR F 187 -7.20 -2.63 6.20
C TYR F 187 -6.40 -3.23 7.34
N GLU F 188 -6.87 -4.35 7.90
CA GLU F 188 -6.19 -5.00 9.01
C GLU F 188 -4.93 -5.76 8.59
N LYS F 189 -4.69 -5.92 7.30
CA LYS F 189 -3.56 -6.69 6.79
C LYS F 189 -2.39 -5.81 6.36
N HIS F 190 -2.47 -4.50 6.60
CA HIS F 190 -1.39 -3.58 6.26
C HIS F 190 -1.24 -2.55 7.37
N LYS F 191 -0.06 -1.93 7.43
CA LYS F 191 0.28 -1.07 8.56
C LYS F 191 0.49 0.39 8.20
N VAL F 192 1.11 0.70 7.06
CA VAL F 192 1.46 2.08 6.72
C VAL F 192 0.54 2.57 5.61
N TYR F 193 -0.11 3.72 5.83
CA TYR F 193 -0.94 4.34 4.81
C TYR F 193 -0.49 5.79 4.64
N ALA F 194 -0.20 6.17 3.40
CA ALA F 194 0.30 7.50 3.11
C ALA F 194 -0.45 8.13 1.94
N CYS F 195 -0.64 9.44 2.02
CA CYS F 195 -1.22 10.26 0.98
C CYS F 195 -0.10 11.15 0.45
N GLU F 196 0.34 10.88 -0.77
CA GLU F 196 1.35 11.67 -1.45
C GLU F 196 0.66 12.67 -2.37
N VAL F 197 1.04 13.93 -2.26
CA VAL F 197 0.41 15.02 -3.00
C VAL F 197 1.48 15.73 -3.80
N THR F 198 1.15 16.05 -5.04
CA THR F 198 1.98 16.90 -5.89
C THR F 198 1.14 18.08 -6.34
N HIS F 199 1.72 19.27 -6.25
CA HIS F 199 1.06 20.52 -6.60
C HIS F 199 2.12 21.50 -7.07
N GLN F 200 1.69 22.48 -7.85
CA GLN F 200 2.62 23.47 -8.40
C GLN F 200 3.30 24.25 -7.28
N GLY F 201 2.54 24.61 -6.24
CA GLY F 201 3.09 25.36 -5.12
C GLY F 201 3.98 24.56 -4.21
N LEU F 202 3.94 23.23 -4.30
CA LEU F 202 4.80 22.35 -3.53
C LEU F 202 6.11 22.17 -4.28
N SER F 203 7.21 22.59 -3.66
CA SER F 203 8.52 22.41 -4.27
C SER F 203 8.99 20.95 -4.25
N SER F 204 8.29 20.09 -3.53
CA SER F 204 8.57 18.66 -3.49
C SER F 204 7.27 17.95 -3.15
N PRO F 205 7.10 16.69 -3.57
CA PRO F 205 5.83 16.00 -3.31
C PRO F 205 5.63 15.65 -1.84
N VAL F 206 4.68 16.34 -1.21
CA VAL F 206 4.47 16.18 0.22
C VAL F 206 3.79 14.84 0.48
N THR F 207 4.13 14.21 1.60
CA THR F 207 3.51 12.95 1.97
C THR F 207 3.08 13.06 3.42
N LYS F 208 1.80 12.83 3.70
CA LYS F 208 1.30 12.82 5.10
C LYS F 208 0.80 11.41 5.35
N SER F 209 1.32 10.71 6.33
CA SER F 209 0.98 9.30 6.56
C SER F 209 0.66 9.01 8.02
N PHE F 210 -0.03 7.91 8.29
CA PHE F 210 -0.28 7.46 9.67
C PHE F 210 -0.03 5.96 9.68
N ASN F 211 0.23 5.38 10.84
CA ASN F 211 0.45 3.92 10.98
C ASN F 211 -0.77 3.34 11.69
N ARG F 212 -1.35 2.27 11.15
CA ARG F 212 -2.63 1.70 11.66
C ARG F 212 -2.61 1.44 13.17
N GLY F 213 -3.74 1.62 13.83
CA GLY F 213 -3.87 1.32 15.24
C GLY F 213 -2.80 1.98 16.11
N GLU F 214 -2.65 3.29 15.97
CA GLU F 214 -1.63 4.06 16.67
C GLU F 214 -2.19 5.43 17.00
N CYS F 215 -1.95 5.86 18.25
CA CYS F 215 -2.45 7.10 18.84
C CYS F 215 -2.95 8.17 17.87
MG MG G . -48.29 16.13 -81.75
C1 CTI H . -51.68 22.80 -92.76
C2 CTI H . -51.11 21.96 -93.76
C3 CTI H . -51.84 20.78 -94.10
C4 CTI H . -53.08 20.45 -93.49
C5 CTI H . -49.81 22.22 -94.46
C6 CTI H . -49.39 21.24 -95.43
C7 CTI H . -50.18 20.10 -95.70
C8 CTI H . -51.34 19.89 -95.07
N9 CTI H . -48.96 23.34 -94.22
C10 CTI H . -48.15 21.42 -96.14
C11 CTI H . -47.35 22.56 -95.88
C12 CTI H . -47.78 23.50 -94.93
C13 CTI H . -49.27 24.43 -93.31
C14 CTI H . -45.71 21.79 -97.49
C15 CTI H . -46.51 20.67 -97.76
C16 CTI H . -47.68 20.49 -97.09
C17 CTI H . -46.12 22.72 -96.56
O18 CTI H . -45.40 23.86 -96.31
C19 CTI H . -44.10 23.65 -95.76
O20 CTI H . -44.54 22.05 -98.14
C21 CTI H . -44.24 21.30 -99.32
C22 CTI H . -52.87 22.44 -92.20
C23 CTI H . -53.55 21.29 -92.56
O24 CTI H . -53.60 23.09 -91.24
C25 CTI H . -54.48 22.10 -90.75
O26 CTI H . -54.72 21.21 -91.84
MG MG I . 2.33 -24.48 -64.28
MG MG J . 4.18 -16.38 -57.40
MG MG K . 14.64 -18.45 -70.81
MG MG L . 21.29 -25.80 -65.76
C1 CTI M . 2.36 -17.15 -75.44
C2 CTI M . 3.52 -16.38 -75.17
C3 CTI M . 3.41 -15.33 -74.21
C4 CTI M . 2.17 -15.05 -73.56
C5 CTI M . 4.83 -16.61 -75.81
C6 CTI M . 5.93 -15.76 -75.42
C7 CTI M . 5.74 -14.74 -74.46
C8 CTI M . 4.54 -14.52 -73.88
N9 CTI M . 5.07 -17.62 -76.76
C10 CTI M . 7.22 -15.94 -76.01
C11 CTI M . 7.42 -16.97 -76.95
C12 CTI M . 6.34 -17.79 -77.32
C13 CTI M . 4.05 -18.56 -77.24
C14 CTI M . 9.75 -16.34 -77.15
C15 CTI M . 9.55 -15.33 -76.20
C16 CTI M . 8.32 -15.14 -75.65
C17 CTI M . 8.69 -17.15 -77.52
O18 CTI M . 8.86 -18.17 -78.44
C19 CTI M . 8.77 -17.75 -79.81
O20 CTI M . 10.94 -16.60 -77.76
C21 CTI M . 12.10 -16.03 -77.17
C22 CTI M . 1.21 -16.85 -74.80
C23 CTI M . 1.11 -15.82 -73.87
O24 CTI M . -0.02 -17.47 -74.92
C25 CTI M . -0.75 -17.03 -73.75
O26 CTI M . -0.18 -15.77 -73.40
OS OS N . 43.49 -37.81 30.86
OS OS O . 44.24 -34.60 30.10
K K P . -5.03 -3.98 -5.45
OS OS Q . -3.07 -4.62 0.06
OS OS R . -23.06 11.79 -37.63
#